data_6P8Q
#
_entry.id   6P8Q
#
_cell.length_a   57.151
_cell.length_b   72.874
_cell.length_c   79.927
_cell.angle_alpha   100.160
_cell.angle_beta   103.160
_cell.angle_gamma   95.610
#
_symmetry.space_group_name_H-M   'P 1'
#
loop_
_entity.id
_entity.type
_entity.pdbx_description
1 polymer 'Epidermal growth factor receptor'
2 non-polymer 'PHOSPHOAMINOPHOSPHONIC ACID-ADENYLATE ESTER'
3 non-polymer 10-benzyl-2-fluoro-5,10-dihydro-11H-dibenzo[b,e][1,4]diazepin-11-one
4 non-polymer 'MAGNESIUM ION'
5 non-polymer 'ADENOSINE MONOPHOSPHATE'
6 non-polymer 1,2-ETHANEDIOL
7 water water
#
_entity_poly.entity_id   1
_entity_poly.type   'polypeptide(L)'
_entity_poly.pdbx_seq_one_letter_code
;GEAPNQALLRILKETEFKKIKVLGSGAFGTVYKGLWIPEGEKVKIPVAIKELREATSPKANKEILDEAYVMASVDNPHVC
RLLGICLTSTVQLIMQLMPFGCLLDYVREHKDNIGSQYLLNWCVQIAKGMNYLEDRRLVHRDLAARNVLVKTPQHVKITD
FGLAKLLGAEEKEYHAEGGKVPIKWMALESILHRIYTHQSDVWSYGVTVWELMTFGSKPYDGIPASEISSILEKGERLPQ
PPICTIDVYMIMRKCWMIDADSRPKFRELIIEFSKMARDPQRYLVIQGDERMHLPSPTDSNFYRALMDEEDMDDVVDADE
YLIPQQG
;
_entity_poly.pdbx_strand_id   A,B,C,D
#
# COMPACT_ATOMS: atom_id res chain seq x y z
N PRO A 4 -14.41 -19.75 -1.28
CA PRO A 4 -12.96 -19.67 -1.34
C PRO A 4 -12.51 -18.99 -2.61
N ASN A 5 -11.33 -18.40 -2.61
CA ASN A 5 -10.72 -18.07 -3.88
C ASN A 5 -9.82 -19.24 -4.32
N GLN A 6 -10.37 -20.01 -5.24
CA GLN A 6 -9.79 -21.24 -5.70
C GLN A 6 -8.45 -21.09 -6.39
N ALA A 7 -8.26 -19.95 -7.03
CA ALA A 7 -7.05 -19.67 -7.76
C ALA A 7 -5.85 -19.64 -6.82
N LEU A 8 -6.12 -19.48 -5.54
CA LEU A 8 -5.11 -19.50 -4.49
C LEU A 8 -4.45 -20.88 -4.29
N LEU A 9 -5.19 -21.94 -4.55
CA LEU A 9 -4.69 -23.30 -4.32
C LEU A 9 -4.56 -24.04 -5.64
N ARG A 10 -3.33 -24.36 -6.01
CA ARG A 10 -3.07 -25.08 -7.24
C ARG A 10 -3.39 -26.57 -7.08
N ILE A 11 -4.09 -27.15 -8.05
CA ILE A 11 -4.35 -28.57 -8.03
C ILE A 11 -3.34 -29.17 -8.97
N LEU A 12 -2.45 -29.98 -8.44
CA LEU A 12 -1.37 -30.55 -9.22
C LEU A 12 -1.60 -31.94 -9.78
N LYS A 13 -1.05 -32.15 -10.95
CA LYS A 13 -0.93 -33.48 -11.50
C LYS A 13 0.27 -34.15 -10.88
N GLU A 14 0.20 -35.46 -10.76
CA GLU A 14 1.28 -36.24 -10.21
C GLU A 14 2.54 -36.07 -11.05
N THR A 15 2.35 -35.94 -12.35
CA THR A 15 3.44 -35.77 -13.30
C THR A 15 4.22 -34.46 -13.13
N GLU A 16 3.60 -33.47 -12.51
CA GLU A 16 4.14 -32.12 -12.29
C GLU A 16 5.25 -31.97 -11.25
N PHE A 17 5.39 -32.93 -10.35
CA PHE A 17 6.32 -32.79 -9.25
C PHE A 17 6.97 -34.11 -8.85
N LYS A 18 8.08 -34.03 -8.16
CA LYS A 18 8.68 -35.25 -7.63
C LYS A 18 9.30 -35.07 -6.25
N LYS A 19 9.12 -36.10 -5.43
CA LYS A 19 9.69 -36.12 -4.06
C LYS A 19 11.16 -36.51 -4.17
N ILE A 20 12.08 -35.78 -3.56
CA ILE A 20 13.54 -36.08 -3.72
C ILE A 20 14.17 -36.67 -2.45
N LYS A 21 13.93 -36.06 -1.29
CA LYS A 21 14.54 -36.49 -0.01
C LYS A 21 13.63 -36.16 1.18
N VAL A 22 13.46 -37.13 2.08
CA VAL A 22 12.70 -36.97 3.29
C VAL A 22 13.41 -35.96 4.16
N LEU A 23 12.67 -34.98 4.63
CA LEU A 23 13.18 -34.00 5.53
C LEU A 23 12.82 -34.41 6.95
N GLY A 24 11.63 -34.93 7.11
CA GLY A 24 11.18 -35.41 8.39
C GLY A 24 9.74 -35.83 8.39
N SER A 25 9.31 -36.34 9.54
CA SER A 25 7.96 -36.76 9.76
C SER A 25 7.37 -36.14 11.03
N GLY A 26 6.09 -35.91 11.01
CA GLY A 26 5.34 -35.36 12.12
C GLY A 26 4.19 -36.27 12.46
N ALA A 27 3.21 -35.70 13.12
CA ALA A 27 2.06 -36.46 13.56
C ALA A 27 1.28 -37.06 12.38
N PHE A 28 1.12 -36.31 11.31
CA PHE A 28 0.23 -36.71 10.23
C PHE A 28 0.82 -37.10 8.87
N GLY A 29 2.09 -36.86 8.69
CA GLY A 29 2.70 -37.18 7.42
C GLY A 29 4.19 -37.06 7.38
N THR A 30 4.70 -37.13 6.17
CA THR A 30 6.12 -37.02 5.94
C THR A 30 6.38 -35.87 4.99
N VAL A 31 7.34 -35.05 5.32
CA VAL A 31 7.68 -33.89 4.51
C VAL A 31 8.95 -34.19 3.73
N TYR A 32 8.92 -33.85 2.46
CA TYR A 32 9.98 -34.07 1.50
C TYR A 32 10.46 -32.75 0.90
N LYS A 33 11.74 -32.67 0.64
CA LYS A 33 12.28 -31.75 -0.31
C LYS A 33 11.92 -32.32 -1.70
N GLY A 34 11.47 -31.45 -2.60
CA GLY A 34 11.03 -31.91 -3.89
C GLY A 34 11.20 -30.88 -4.98
N LEU A 35 10.77 -31.24 -6.17
CA LEU A 35 10.80 -30.36 -7.33
C LEU A 35 9.48 -30.24 -8.08
N TRP A 36 9.12 -29.01 -8.45
CA TRP A 36 8.04 -28.74 -9.34
C TRP A 36 8.59 -28.51 -10.74
N ILE A 37 7.94 -29.12 -11.71
CA ILE A 37 8.38 -29.15 -13.07
C ILE A 37 7.24 -28.61 -13.89
N PRO A 38 7.25 -27.32 -14.16
CA PRO A 38 6.13 -26.71 -14.87
C PRO A 38 6.02 -27.35 -16.24
N GLU A 39 4.80 -27.60 -16.67
CA GLU A 39 4.57 -28.28 -17.93
C GLU A 39 5.13 -27.45 -19.10
N GLY A 40 5.96 -28.05 -19.94
CA GLY A 40 6.45 -27.39 -21.12
C GLY A 40 7.66 -26.51 -20.88
N GLU A 41 8.24 -26.61 -19.69
CA GLU A 41 9.39 -25.83 -19.31
C GLU A 41 10.59 -26.69 -18.90
N LYS A 42 11.79 -26.12 -18.97
CA LYS A 42 13.04 -26.85 -18.66
C LYS A 42 13.32 -26.77 -17.16
N VAL A 43 12.91 -25.66 -16.53
CA VAL A 43 13.13 -25.44 -15.06
CA VAL A 43 13.15 -25.46 -15.07
C VAL A 43 12.44 -26.31 -13.96
N LYS A 44 13.31 -26.69 -13.01
CA LYS A 44 12.92 -27.47 -11.82
C LYS A 44 12.93 -26.51 -10.63
N ILE A 45 11.79 -26.36 -9.97
CA ILE A 45 11.65 -25.41 -8.89
C ILE A 45 11.49 -26.11 -7.54
N PRO A 46 12.35 -25.82 -6.60
CA PRO A 46 12.29 -26.47 -5.29
C PRO A 46 10.98 -26.21 -4.57
N VAL A 47 10.43 -27.24 -3.98
CA VAL A 47 9.24 -27.19 -3.18
C VAL A 47 9.35 -28.12 -1.95
N ALA A 48 8.51 -27.87 -0.97
CA ALA A 48 8.28 -28.83 0.11
C ALA A 48 6.99 -29.58 -0.22
N ILE A 49 7.03 -30.89 -0.04
CA ILE A 49 5.89 -31.73 -0.24
C ILE A 49 5.60 -32.56 1.00
N LYS A 50 4.38 -32.49 1.48
CA LYS A 50 3.92 -33.38 2.52
C LYS A 50 3.05 -34.49 1.96
N GLU A 51 3.38 -35.71 2.30
CA GLU A 51 2.53 -36.85 1.97
C GLU A 51 1.86 -37.39 3.26
N LEU A 52 0.55 -37.44 3.28
CA LEU A 52 -0.16 -37.84 4.48
C LEU A 52 0.12 -39.30 4.80
N ARG A 53 0.20 -39.64 6.07
CA ARG A 53 0.52 -41.01 6.43
C ARG A 53 -0.56 -42.03 6.02
N GLU A 54 -1.81 -41.69 6.26
CA GLU A 54 -2.91 -42.60 5.97
C GLU A 54 -3.60 -42.23 4.67
N ALA A 55 -3.93 -43.25 3.89
CA ALA A 55 -4.69 -43.05 2.68
C ALA A 55 -6.11 -42.57 3.03
N THR A 56 -6.68 -41.74 2.18
CA THR A 56 -7.96 -41.13 2.50
C THR A 56 -8.99 -41.37 1.39
N SER A 57 -10.26 -41.47 1.77
CA SER A 57 -11.37 -41.62 0.85
C SER A 57 -11.65 -40.32 0.14
N PRO A 58 -12.44 -40.36 -0.93
CA PRO A 58 -12.77 -39.12 -1.63
C PRO A 58 -13.53 -38.15 -0.72
N LYS A 59 -14.42 -38.66 0.10
CA LYS A 59 -15.16 -37.80 1.00
C LYS A 59 -14.25 -37.11 2.02
N ALA A 60 -13.29 -37.87 2.54
CA ALA A 60 -12.28 -37.29 3.39
C ALA A 60 -11.47 -36.25 2.60
N ASN A 61 -11.17 -36.56 1.35
CA ASN A 61 -10.39 -35.65 0.52
C ASN A 61 -11.10 -34.31 0.29
N LYS A 62 -12.41 -34.37 0.18
CA LYS A 62 -13.23 -33.19 0.01
C LYS A 62 -13.13 -32.27 1.23
N GLU A 63 -13.10 -32.90 2.40
CA GLU A 63 -12.95 -32.17 3.64
C GLU A 63 -11.57 -31.50 3.64
N ILE A 64 -10.55 -32.26 3.28
CA ILE A 64 -9.21 -31.73 3.22
C ILE A 64 -9.14 -30.59 2.19
N LEU A 65 -9.70 -30.80 1.02
CA LEU A 65 -9.62 -29.80 -0.01
C LEU A 65 -10.30 -28.51 0.44
N ASP A 66 -11.46 -28.63 1.05
CA ASP A 66 -12.18 -27.45 1.46
C ASP A 66 -11.40 -26.64 2.50
N GLU A 67 -10.79 -27.32 3.46
CA GLU A 67 -9.92 -26.68 4.42
C GLU A 67 -8.68 -26.08 3.73
N ALA A 68 -8.20 -26.79 2.73
CA ALA A 68 -6.98 -26.41 2.04
C ALA A 68 -7.14 -25.03 1.37
N TYR A 69 -8.34 -24.74 0.87
CA TYR A 69 -8.59 -23.44 0.28
C TYR A 69 -8.40 -22.32 1.32
N VAL A 70 -8.90 -22.53 2.51
CA VAL A 70 -8.67 -21.55 3.55
C VAL A 70 -7.19 -21.37 3.93
N MET A 71 -6.48 -22.47 4.04
CA MET A 71 -5.05 -22.42 4.33
C MET A 71 -4.29 -21.68 3.25
N ALA A 72 -4.75 -21.77 2.01
CA ALA A 72 -4.11 -21.11 0.90
C ALA A 72 -4.44 -19.62 0.85
N SER A 73 -5.40 -19.22 1.66
CA SER A 73 -5.90 -17.85 1.64
C SER A 73 -5.11 -16.88 2.54
N VAL A 74 -4.24 -17.39 3.38
CA VAL A 74 -3.48 -16.53 4.28
C VAL A 74 -2.51 -15.62 3.55
N ASP A 75 -2.44 -14.38 4.01
CA ASP A 75 -1.54 -13.42 3.43
C ASP A 75 -0.88 -12.54 4.49
N ASN A 76 0.16 -13.04 5.13
CA ASN A 76 0.89 -12.26 6.12
C ASN A 76 2.37 -12.69 6.07
N PRO A 77 3.29 -11.76 6.28
CA PRO A 77 4.72 -12.08 6.13
C PRO A 77 5.18 -13.12 7.18
N HIS A 78 4.44 -13.27 8.25
CA HIS A 78 4.84 -14.16 9.31
C HIS A 78 4.07 -15.46 9.37
N VAL A 79 3.33 -15.73 8.31
CA VAL A 79 2.59 -16.94 8.23
C VAL A 79 2.81 -17.62 6.88
N CYS A 80 3.11 -18.90 6.88
CA CYS A 80 3.22 -19.66 5.63
C CYS A 80 1.87 -19.93 4.98
N ARG A 81 1.86 -19.88 3.67
CA ARG A 81 0.67 -20.11 2.88
C ARG A 81 0.72 -21.52 2.27
N LEU A 82 -0.39 -22.23 2.31
CA LEU A 82 -0.46 -23.50 1.62
C LEU A 82 -0.63 -23.21 0.13
N LEU A 83 0.23 -23.79 -0.69
CA LEU A 83 0.26 -23.47 -2.10
C LEU A 83 -0.54 -24.37 -3.03
N GLY A 84 -0.46 -25.67 -2.81
CA GLY A 84 -1.07 -26.65 -3.69
C GLY A 84 -1.35 -28.02 -3.08
N ILE A 85 -2.14 -28.79 -3.81
CA ILE A 85 -2.52 -30.11 -3.41
C ILE A 85 -2.60 -31.08 -4.60
N CYS A 86 -2.21 -32.32 -4.33
CA CYS A 86 -2.40 -33.42 -5.24
C CYS A 86 -3.20 -34.54 -4.56
N LEU A 87 -4.35 -34.81 -5.13
CA LEU A 87 -5.32 -35.72 -4.53
C LEU A 87 -5.08 -37.18 -4.94
N THR A 88 -3.89 -37.66 -4.69
CA THR A 88 -3.59 -39.07 -4.77
C THR A 88 -4.21 -39.76 -3.54
N SER A 89 -4.37 -41.10 -3.63
CA SER A 89 -4.97 -42.00 -2.60
C SER A 89 -4.42 -41.56 -1.24
N THR A 90 -3.12 -41.37 -1.26
CA THR A 90 -2.41 -40.70 -0.13
CA THR A 90 -2.45 -40.69 -0.11
C THR A 90 -2.02 -39.22 -0.49
N VAL A 91 -2.90 -38.33 -0.04
CA VAL A 91 -2.87 -36.86 -0.28
C VAL A 91 -1.47 -36.25 -0.10
N GLN A 92 -1.05 -35.49 -1.11
CA GLN A 92 0.19 -34.72 -1.07
C GLN A 92 -0.09 -33.22 -1.15
N LEU A 93 0.61 -32.46 -0.33
CA LEU A 93 0.44 -31.03 -0.23
C LEU A 93 1.75 -30.32 -0.55
N ILE A 94 1.64 -29.14 -1.12
CA ILE A 94 2.79 -28.39 -1.53
C ILE A 94 2.84 -26.99 -0.91
N MET A 95 4.00 -26.66 -0.39
CA MET A 95 4.35 -25.34 0.09
C MET A 95 5.79 -24.94 -0.24
N GLN A 96 6.11 -23.71 0.09
CA GLN A 96 7.44 -23.19 -0.13
C GLN A 96 8.45 -23.99 0.68
N LEU A 97 9.58 -24.32 0.07
CA LEU A 97 10.68 -24.98 0.74
C LEU A 97 11.56 -23.98 1.52
N MET A 98 11.77 -24.25 2.80
CA MET A 98 12.64 -23.41 3.61
C MET A 98 13.95 -24.16 3.88
N PRO A 99 15.00 -23.80 3.15
CA PRO A 99 16.29 -24.43 3.31
C PRO A 99 16.82 -24.29 4.74
N PHE A 100 16.54 -23.20 5.42
CA PHE A 100 16.98 -23.00 6.81
C PHE A 100 16.26 -23.95 7.81
N GLY A 101 15.16 -24.55 7.38
CA GLY A 101 14.43 -25.50 8.20
C GLY A 101 13.62 -24.87 9.33
N CYS A 102 13.24 -25.68 10.32
CA CYS A 102 12.43 -25.17 11.43
C CYS A 102 13.24 -24.40 12.49
N LEU A 103 12.59 -23.51 13.21
CA LEU A 103 13.25 -22.66 14.17
C LEU A 103 13.90 -23.48 15.30
N LEU A 104 13.25 -24.55 15.71
CA LEU A 104 13.80 -25.36 16.82
C LEU A 104 15.15 -25.94 16.46
N ASP A 105 15.24 -26.55 15.27
CA ASP A 105 16.49 -27.09 14.77
C ASP A 105 17.51 -25.97 14.59
N TYR A 106 17.08 -24.82 14.11
CA TYR A 106 18.00 -23.72 13.92
C TYR A 106 18.61 -23.22 15.24
N VAL A 107 17.79 -22.97 16.25
CA VAL A 107 18.31 -22.50 17.52
C VAL A 107 19.21 -23.54 18.18
N ARG A 108 18.87 -24.80 18.04
CA ARG A 108 19.69 -25.85 18.59
C ARG A 108 21.06 -25.87 17.90
N GLU A 109 21.03 -25.82 16.58
CA GLU A 109 22.25 -25.81 15.73
C GLU A 109 23.09 -24.55 15.92
N HIS A 110 22.47 -23.44 16.30
CA HIS A 110 23.17 -22.19 16.46
C HIS A 110 23.25 -21.71 17.89
N LYS A 111 23.12 -22.62 18.84
CA LYS A 111 22.90 -22.31 20.24
C LYS A 111 24.01 -21.44 20.85
N ASP A 112 25.23 -21.56 20.34
CA ASP A 112 26.30 -20.74 20.90
C ASP A 112 26.56 -19.44 20.14
N ASN A 113 25.76 -19.21 19.11
CA ASN A 113 25.89 -18.05 18.23
C ASN A 113 24.62 -17.19 18.01
N ILE A 114 23.67 -17.27 18.93
CA ILE A 114 22.44 -16.51 18.81
C ILE A 114 22.32 -15.49 19.95
N GLY A 115 22.19 -14.23 19.59
CA GLY A 115 22.05 -13.15 20.53
C GLY A 115 20.65 -12.74 20.95
N SER A 116 20.58 -11.75 21.83
CA SER A 116 19.30 -11.24 22.32
C SER A 116 18.43 -10.63 21.24
N GLN A 117 19.05 -9.92 20.30
CA GLN A 117 18.27 -9.26 19.25
C GLN A 117 17.47 -10.21 18.37
N TYR A 118 18.11 -11.26 17.92
CA TYR A 118 17.41 -12.27 17.14
C TYR A 118 16.27 -12.93 17.94
N LEU A 119 16.55 -13.33 19.17
CA LEU A 119 15.54 -14.02 19.95
C LEU A 119 14.30 -13.17 20.17
N LEU A 120 14.48 -11.92 20.55
CA LEU A 120 13.35 -11.05 20.77
C LEU A 120 12.59 -10.79 19.45
N ASN A 121 13.36 -10.61 18.39
CA ASN A 121 12.79 -10.34 17.07
C ASN A 121 11.88 -11.52 16.63
N TRP A 122 12.34 -12.74 16.86
CA TRP A 122 11.54 -13.90 16.57
C TRP A 122 10.28 -13.97 17.41
N CYS A 123 10.35 -13.59 18.67
CA CYS A 123 9.19 -13.54 19.52
C CYS A 123 8.16 -12.55 18.95
N VAL A 124 8.65 -11.40 18.53
CA VAL A 124 7.79 -10.39 17.96
C VAL A 124 7.13 -10.96 16.71
N GLN A 125 7.92 -11.58 15.85
CA GLN A 125 7.40 -12.09 14.60
C GLN A 125 6.36 -13.20 14.75
N ILE A 126 6.64 -14.11 15.65
CA ILE A 126 5.69 -15.16 15.91
C ILE A 126 4.37 -14.57 16.41
N ALA A 127 4.44 -13.53 17.25
CA ALA A 127 3.23 -12.90 17.74
C ALA A 127 2.41 -12.25 16.63
N LYS A 128 3.12 -11.63 15.70
CA LYS A 128 2.50 -10.98 14.57
C LYS A 128 1.77 -12.04 13.74
N GLY A 129 2.43 -13.14 13.45
CA GLY A 129 1.79 -14.21 12.70
C GLY A 129 0.58 -14.79 13.43
N MET A 130 0.73 -15.07 14.71
CA MET A 130 -0.37 -15.57 15.51
C MET A 130 -1.54 -14.55 15.59
N ASN A 131 -1.20 -13.28 15.70
CA ASN A 131 -2.20 -12.24 15.71
C ASN A 131 -2.99 -12.25 14.38
N TYR A 132 -2.29 -12.45 13.28
CA TYR A 132 -2.96 -12.49 11.98
C TYR A 132 -3.93 -13.67 11.91
N LEU A 133 -3.49 -14.83 12.33
CA LEU A 133 -4.36 -15.98 12.37
C LEU A 133 -5.56 -15.70 13.27
N GLU A 134 -5.34 -15.00 14.38
CA GLU A 134 -6.47 -14.70 15.26
C GLU A 134 -7.51 -13.80 14.54
N ASP A 135 -7.01 -12.79 13.86
CA ASP A 135 -7.83 -11.85 13.10
C ASP A 135 -8.64 -12.60 12.02
N ARG A 136 -8.06 -13.67 11.49
CA ARG A 136 -8.68 -14.53 10.47
C ARG A 136 -9.56 -15.64 11.06
N ARG A 137 -9.64 -15.67 12.39
CA ARG A 137 -10.38 -16.68 13.12
C ARG A 137 -9.88 -18.11 12.89
N LEU A 138 -8.58 -18.25 12.72
CA LEU A 138 -7.98 -19.52 12.53
C LEU A 138 -7.19 -19.92 13.81
N VAL A 139 -7.59 -21.01 14.45
CA VAL A 139 -6.88 -21.52 15.60
C VAL A 139 -5.80 -22.48 15.14
N HIS A 140 -4.62 -22.37 15.68
CA HIS A 140 -3.55 -23.21 15.20
C HIS A 140 -3.61 -24.67 15.71
N ARG A 141 -3.54 -24.79 17.02
CA ARG A 141 -3.69 -26.02 17.76
C ARG A 141 -2.38 -26.78 17.89
N ASP A 142 -1.40 -26.41 17.09
CA ASP A 142 -0.09 -27.05 17.12
C ASP A 142 1.08 -26.05 17.02
N LEU A 143 0.97 -24.90 17.66
CA LEU A 143 2.07 -23.98 17.68
C LEU A 143 3.18 -24.55 18.57
N ALA A 144 4.38 -24.53 18.06
CA ALA A 144 5.56 -24.92 18.76
C ALA A 144 6.77 -24.47 17.90
N ALA A 145 7.96 -24.52 18.47
CA ALA A 145 9.17 -24.08 17.79
C ALA A 145 9.42 -24.89 16.50
N ARG A 146 9.01 -26.15 16.53
CA ARG A 146 9.15 -27.01 15.37
C ARG A 146 8.21 -26.53 14.27
N ASN A 147 7.20 -25.80 14.69
CA ASN A 147 6.17 -25.32 13.78
C ASN A 147 6.29 -23.83 13.39
N VAL A 148 7.49 -23.32 13.56
CA VAL A 148 7.89 -22.05 13.03
C VAL A 148 9.07 -22.30 12.11
N LEU A 149 8.96 -21.83 10.87
CA LEU A 149 9.98 -22.02 9.85
C LEU A 149 10.85 -20.79 9.65
N VAL A 150 12.12 -21.03 9.40
CA VAL A 150 13.07 -19.98 9.20
C VAL A 150 13.22 -19.70 7.69
N LYS A 151 12.62 -18.62 7.23
CA LYS A 151 12.80 -18.17 5.85
C LYS A 151 14.22 -17.65 5.61
N THR A 152 14.63 -16.76 6.48
CA THR A 152 15.99 -16.36 6.65
C THR A 152 16.18 -16.17 8.17
N PRO A 153 17.40 -16.04 8.62
CA PRO A 153 17.59 -15.93 10.07
C PRO A 153 16.89 -14.70 10.62
N GLN A 154 16.66 -13.69 9.77
CA GLN A 154 15.97 -12.51 10.23
C GLN A 154 14.45 -12.57 10.13
N HIS A 155 13.93 -13.67 9.57
CA HIS A 155 12.55 -13.74 9.18
C HIS A 155 11.97 -15.13 9.39
N VAL A 156 11.08 -15.26 10.37
CA VAL A 156 10.49 -16.56 10.67
C VAL A 156 8.97 -16.53 10.42
N LYS A 157 8.43 -17.67 10.05
CA LYS A 157 7.04 -17.79 9.67
C LYS A 157 6.31 -18.97 10.33
N ILE A 158 5.09 -18.78 10.82
CA ILE A 158 4.29 -19.85 11.39
C ILE A 158 3.79 -20.86 10.35
N THR A 159 3.81 -22.14 10.69
CA THR A 159 3.38 -23.21 9.81
C THR A 159 2.50 -24.30 10.49
N ASP A 160 1.87 -25.12 9.69
CA ASP A 160 1.09 -26.25 10.17
C ASP A 160 -0.18 -25.92 10.99
N PHE A 161 -0.68 -24.71 10.87
CA PHE A 161 -1.99 -24.41 11.45
C PHE A 161 -3.12 -25.13 10.69
N GLY A 162 -4.10 -25.59 11.46
CA GLY A 162 -5.34 -26.15 10.97
C GLY A 162 -5.30 -27.64 10.70
N LEU A 163 -4.09 -28.15 10.64
CA LEU A 163 -3.88 -29.55 10.32
C LEU A 163 -4.44 -30.48 11.35
N ALA A 164 -4.24 -30.16 12.62
CA ALA A 164 -4.70 -31.04 13.66
C ALA A 164 -6.23 -31.19 13.75
N LYS A 165 -6.96 -30.09 13.56
CA LYS A 165 -8.41 -30.16 13.61
C LYS A 165 -8.89 -31.01 12.46
N LEU A 166 -8.31 -30.75 11.30
CA LEU A 166 -8.71 -31.41 10.09
C LEU A 166 -8.62 -32.92 10.24
N LEU A 167 -7.44 -33.39 10.55
CA LEU A 167 -7.17 -34.81 10.61
C LEU A 167 -7.36 -35.42 11.99
N GLY A 168 -7.89 -34.63 12.92
CA GLY A 168 -8.24 -35.15 14.23
C GLY A 168 -9.25 -36.26 14.08
N VAL A 181 -0.82 -36.04 19.81
CA VAL A 181 -1.27 -34.89 20.59
C VAL A 181 -0.04 -34.24 21.23
N PRO A 182 0.17 -32.98 20.92
CA PRO A 182 1.33 -32.25 21.45
C PRO A 182 0.99 -31.78 22.86
N ILE A 183 0.92 -32.72 23.78
CA ILE A 183 0.39 -32.42 25.09
C ILE A 183 1.22 -31.35 25.79
N LYS A 184 2.52 -31.39 25.66
CA LYS A 184 3.38 -30.46 26.36
C LYS A 184 3.30 -29.00 25.86
N TRP A 185 2.65 -28.78 24.73
CA TRP A 185 2.36 -27.44 24.23
C TRP A 185 0.95 -26.96 24.43
N MET A 186 0.10 -27.80 24.99
CA MET A 186 -1.32 -27.57 25.03
C MET A 186 -1.82 -26.87 26.29
N ALA A 187 -2.79 -25.99 26.12
CA ALA A 187 -3.39 -25.36 27.28
C ALA A 187 -4.11 -26.43 28.09
N LEU A 188 -4.27 -26.16 29.37
CA LEU A 188 -4.87 -27.11 30.28
C LEU A 188 -6.30 -27.45 29.84
N GLU A 189 -7.07 -26.46 29.43
CA GLU A 189 -8.43 -26.68 28.94
C GLU A 189 -8.46 -27.55 27.70
N SER A 190 -7.44 -27.44 26.87
CA SER A 190 -7.30 -28.31 25.74
C SER A 190 -7.05 -29.78 26.09
N ILE A 191 -6.14 -30.04 27.02
CA ILE A 191 -5.88 -31.40 27.41
C ILE A 191 -7.11 -32.03 28.08
N LEU A 192 -7.66 -31.35 29.06
CA LEU A 192 -8.84 -31.80 29.79
C LEU A 192 -10.15 -31.91 29.04
N HIS A 193 -10.44 -30.92 28.20
CA HIS A 193 -11.75 -30.80 27.57
C HIS A 193 -11.81 -30.62 26.05
N ARG A 194 -10.66 -30.64 25.40
CA ARG A 194 -10.59 -30.47 23.97
C ARG A 194 -11.10 -29.10 23.54
N ILE A 195 -10.97 -28.12 24.42
CA ILE A 195 -11.28 -26.75 24.05
C ILE A 195 -10.05 -26.13 23.38
N TYR A 196 -10.21 -25.70 22.13
CA TYR A 196 -9.16 -25.01 21.43
C TYR A 196 -9.63 -23.61 20.98
N THR A 197 -8.89 -22.62 21.43
CA THR A 197 -9.18 -21.23 21.14
C THR A 197 -7.88 -20.48 20.89
N HIS A 198 -8.01 -19.22 20.51
CA HIS A 198 -6.85 -18.38 20.36
C HIS A 198 -6.14 -18.27 21.68
N GLN A 199 -6.90 -18.23 22.76
CA GLN A 199 -6.31 -18.14 24.08
C GLN A 199 -5.52 -19.41 24.43
N SER A 200 -5.97 -20.55 23.97
CA SER A 200 -5.19 -21.78 24.06
C SER A 200 -3.91 -21.73 23.21
N ASP A 201 -3.99 -21.09 22.05
CA ASP A 201 -2.78 -20.85 21.23
C ASP A 201 -1.77 -19.97 22.00
N VAL A 202 -2.28 -19.03 22.78
CA VAL A 202 -1.41 -18.16 23.55
C VAL A 202 -0.57 -19.05 24.51
N TRP A 203 -1.19 -20.07 25.10
CA TRP A 203 -0.46 -20.96 25.97
C TRP A 203 0.68 -21.59 25.21
N SER A 204 0.39 -22.10 24.02
CA SER A 204 1.38 -22.73 23.20
C SER A 204 2.50 -21.73 22.86
N TYR A 205 2.13 -20.48 22.69
CA TYR A 205 3.09 -19.43 22.39
C TYR A 205 4.09 -19.31 23.55
N GLY A 206 3.59 -19.38 24.78
CA GLY A 206 4.47 -19.28 25.90
C GLY A 206 5.47 -20.41 25.90
N VAL A 207 5.01 -21.62 25.64
CA VAL A 207 5.90 -22.76 25.59
C VAL A 207 6.94 -22.60 24.49
N THR A 208 6.50 -22.05 23.38
CA THR A 208 7.35 -21.84 22.21
C THR A 208 8.48 -20.84 22.52
N VAL A 209 8.13 -19.76 23.20
CA VAL A 209 9.11 -18.80 23.68
C VAL A 209 10.09 -19.44 24.66
N TRP A 210 9.57 -20.27 25.55
CA TRP A 210 10.43 -20.98 26.45
C TRP A 210 11.40 -21.84 25.68
N GLU A 211 10.96 -22.50 24.62
CA GLU A 211 11.86 -23.30 23.81
C GLU A 211 12.99 -22.44 23.22
N LEU A 212 12.66 -21.30 22.66
CA LEU A 212 13.65 -20.44 22.05
C LEU A 212 14.66 -20.00 23.11
N MET A 213 14.14 -19.56 24.24
CA MET A 213 14.92 -18.94 25.31
C MET A 213 15.88 -19.96 25.94
N THR A 214 15.56 -21.22 25.79
CA THR A 214 16.42 -22.26 26.28
C THR A 214 17.27 -22.86 25.17
N PHE A 215 17.25 -22.23 24.02
CA PHE A 215 17.97 -22.73 22.89
C PHE A 215 17.56 -24.17 22.53
N GLY A 216 16.26 -24.42 22.57
CA GLY A 216 15.74 -25.69 22.12
C GLY A 216 15.67 -26.87 23.06
N SER A 217 15.63 -26.59 24.34
CA SER A 217 15.42 -27.63 25.32
C SER A 217 14.05 -28.24 25.18
N LYS A 218 13.91 -29.48 25.59
CA LYS A 218 12.60 -30.12 25.58
C LYS A 218 11.82 -29.72 26.83
N PRO A 219 10.58 -29.30 26.69
CA PRO A 219 9.82 -28.92 27.89
C PRO A 219 9.41 -30.12 28.73
N TYR A 220 9.51 -29.99 30.04
CA TYR A 220 9.12 -31.06 30.90
C TYR A 220 9.86 -32.35 30.51
N ASP A 221 11.13 -32.22 30.17
CA ASP A 221 11.88 -33.35 29.70
C ASP A 221 11.95 -34.44 30.78
N GLY A 222 11.55 -35.65 30.40
CA GLY A 222 11.50 -36.80 31.28
C GLY A 222 10.16 -37.05 31.95
N ILE A 223 9.26 -36.10 31.85
CA ILE A 223 7.95 -36.28 32.40
C ILE A 223 6.96 -36.77 31.35
N PRO A 224 6.37 -37.94 31.60
CA PRO A 224 5.51 -38.55 30.62
C PRO A 224 4.30 -37.66 30.32
N ALA A 225 3.89 -37.61 29.06
CA ALA A 225 2.84 -36.70 28.61
C ALA A 225 1.55 -36.92 29.34
N SER A 226 1.25 -38.19 29.63
CA SER A 226 0.03 -38.56 30.31
C SER A 226 -0.06 -37.94 31.70
N GLU A 227 1.08 -37.55 32.24
CA GLU A 227 1.14 -36.99 33.59
C GLU A 227 1.14 -35.47 33.65
N ILE A 228 1.22 -34.81 32.50
CA ILE A 228 1.33 -33.36 32.48
C ILE A 228 0.13 -32.62 33.06
N SER A 229 -1.07 -33.06 32.74
CA SER A 229 -2.25 -32.33 33.20
C SER A 229 -2.28 -32.29 34.74
N SER A 230 -1.79 -33.35 35.35
CA SER A 230 -1.79 -33.41 36.79
C SER A 230 -0.92 -32.32 37.43
N ILE A 231 0.29 -32.15 36.93
CA ILE A 231 1.18 -31.14 37.47
C ILE A 231 0.69 -29.70 37.24
N LEU A 232 0.11 -29.48 36.08
CA LEU A 232 -0.39 -28.18 35.70
C LEU A 232 -1.49 -27.77 36.69
N GLU A 233 -2.32 -28.73 37.04
CA GLU A 233 -3.43 -28.54 37.97
C GLU A 233 -2.95 -28.12 39.37
N LYS A 234 -1.76 -28.56 39.75
CA LYS A 234 -1.17 -28.22 41.03
C LYS A 234 -0.38 -26.89 40.95
N GLY A 235 -0.41 -26.27 39.77
CA GLY A 235 0.32 -25.04 39.54
C GLY A 235 1.77 -25.13 39.10
N GLU A 236 2.30 -26.32 38.87
CA GLU A 236 3.64 -26.44 38.32
C GLU A 236 3.67 -25.88 36.90
N ARG A 237 4.76 -25.23 36.56
CA ARG A 237 4.99 -24.64 35.25
C ARG A 237 6.45 -24.83 34.89
N LEU A 238 6.78 -24.55 33.64
CA LEU A 238 8.13 -24.52 33.17
C LEU A 238 8.90 -23.45 33.95
N PRO A 239 10.13 -23.73 34.32
CA PRO A 239 10.97 -22.83 35.11
C PRO A 239 11.55 -21.69 34.28
N GLN A 240 12.08 -20.70 34.96
CA GLN A 240 12.65 -19.59 34.27
C GLN A 240 13.94 -20.02 33.56
N PRO A 241 13.99 -19.83 32.26
CA PRO A 241 15.24 -20.01 31.54
C PRO A 241 16.29 -19.04 32.05
N PRO A 242 17.54 -19.51 32.10
CA PRO A 242 18.62 -18.75 32.71
C PRO A 242 18.85 -17.38 32.07
N ILE A 243 18.67 -17.28 30.76
CA ILE A 243 18.89 -16.04 30.06
C ILE A 243 17.81 -14.96 30.27
N CYS A 244 16.65 -15.39 30.77
CA CYS A 244 15.51 -14.51 30.95
C CYS A 244 15.56 -13.66 32.20
N THR A 245 15.34 -12.38 32.03
CA THR A 245 15.00 -11.50 33.12
C THR A 245 13.54 -11.79 33.50
N ILE A 246 13.12 -11.28 34.66
CA ILE A 246 11.79 -11.53 35.15
C ILE A 246 10.77 -10.95 34.18
N ASP A 247 11.13 -9.89 33.47
CA ASP A 247 10.19 -9.24 32.57
C ASP A 247 9.70 -10.20 31.46
N VAL A 248 10.62 -10.95 30.87
CA VAL A 248 10.27 -11.97 29.90
C VAL A 248 9.55 -13.16 30.54
N TYR A 249 10.07 -13.62 31.66
CA TYR A 249 9.52 -14.79 32.31
C TYR A 249 8.06 -14.54 32.77
N MET A 250 7.79 -13.33 33.23
CA MET A 250 6.42 -13.00 33.68
C MET A 250 5.40 -13.12 32.55
N ILE A 251 5.81 -12.71 31.36
CA ILE A 251 4.95 -12.87 30.23
C ILE A 251 4.66 -14.35 29.97
N MET A 252 5.69 -15.17 30.05
CA MET A 252 5.52 -16.60 29.85
C MET A 252 4.53 -17.18 30.87
N ARG A 253 4.67 -16.78 32.12
CA ARG A 253 3.80 -17.22 33.17
C ARG A 253 2.37 -16.81 32.92
N LYS A 254 2.18 -15.58 32.44
CA LYS A 254 0.85 -15.11 32.09
C LYS A 254 0.21 -15.96 30.99
N CYS A 255 1.03 -16.45 30.06
CA CYS A 255 0.56 -17.29 28.98
C CYS A 255 -0.05 -18.60 29.50
N TRP A 256 0.40 -18.99 30.67
CA TRP A 256 0.01 -20.24 31.28
C TRP A 256 -1.00 -20.12 32.42
N MET A 257 -1.72 -19.02 32.49
CA MET A 257 -2.73 -18.85 33.54
C MET A 257 -3.92 -19.78 33.26
N ILE A 258 -4.56 -20.24 34.32
CA ILE A 258 -5.70 -21.11 34.18
C ILE A 258 -6.88 -20.41 33.48
N ASP A 259 -7.09 -19.13 33.79
CA ASP A 259 -8.21 -18.42 33.24
C ASP A 259 -7.74 -17.94 31.89
N ALA A 260 -8.26 -18.56 30.84
CA ALA A 260 -7.78 -18.31 29.49
C ALA A 260 -7.94 -16.85 29.08
N ASP A 261 -9.04 -16.23 29.46
CA ASP A 261 -9.26 -14.82 29.18
C ASP A 261 -8.26 -13.92 29.91
N SER A 262 -7.63 -14.43 30.96
CA SER A 262 -6.61 -13.68 31.66
C SER A 262 -5.24 -13.67 31.00
N ARG A 263 -5.02 -14.56 30.05
CA ARG A 263 -3.71 -14.64 29.40
C ARG A 263 -3.55 -13.42 28.47
N PRO A 264 -2.32 -13.10 28.06
CA PRO A 264 -2.09 -11.97 27.16
C PRO A 264 -2.78 -12.27 25.81
N LYS A 265 -3.04 -11.22 25.05
CA LYS A 265 -3.47 -11.32 23.65
C LYS A 265 -2.28 -11.18 22.72
N PHE A 266 -2.35 -11.81 21.57
CA PHE A 266 -1.23 -11.77 20.67
C PHE A 266 -0.96 -10.30 20.33
N ARG A 267 -2.01 -9.52 20.18
CA ARG A 267 -1.84 -8.12 19.83
C ARG A 267 -1.03 -7.38 20.90
N GLU A 268 -1.28 -7.68 22.18
CA GLU A 268 -0.50 -7.14 23.30
C GLU A 268 0.95 -7.61 23.29
N LEU A 269 1.13 -8.88 22.99
CA LEU A 269 2.43 -9.51 22.98
C LEU A 269 3.31 -8.85 21.91
N ILE A 270 2.69 -8.47 20.81
CA ILE A 270 3.47 -7.86 19.78
C ILE A 270 4.07 -6.57 20.33
N ILE A 271 3.27 -5.77 21.00
CA ILE A 271 3.74 -4.51 21.55
C ILE A 271 4.83 -4.70 22.63
N GLU A 272 4.61 -5.61 23.56
CA GLU A 272 5.55 -5.80 24.64
C GLU A 272 6.91 -6.29 24.19
N PHE A 273 6.92 -7.34 23.38
CA PHE A 273 8.14 -7.87 22.77
C PHE A 273 8.86 -6.86 21.84
N SER A 274 8.09 -6.03 21.16
CA SER A 274 8.63 -4.95 20.35
C SER A 274 9.37 -3.90 21.20
N LYS A 275 8.80 -3.56 22.34
CA LYS A 275 9.45 -2.66 23.26
C LYS A 275 10.76 -3.29 23.75
N MET A 276 10.72 -4.55 24.16
CA MET A 276 11.92 -5.22 24.61
C MET A 276 12.99 -5.33 23.50
N ALA A 277 12.56 -5.55 22.28
CA ALA A 277 13.46 -5.72 21.17
C ALA A 277 14.26 -4.44 20.90
N ARG A 278 13.78 -3.32 21.44
CA ARG A 278 14.44 -2.00 21.26
C ARG A 278 15.65 -1.90 22.20
N ASP A 279 15.68 -2.72 23.25
CA ASP A 279 16.80 -2.74 24.18
C ASP A 279 17.07 -4.16 24.70
N PRO A 280 17.47 -5.03 23.79
CA PRO A 280 17.42 -6.47 24.04
C PRO A 280 18.28 -6.95 25.22
N GLN A 281 19.47 -6.40 25.40
CA GLN A 281 20.38 -6.79 26.48
C GLN A 281 19.83 -6.43 27.88
N ARG A 282 18.88 -5.53 27.94
CA ARG A 282 18.15 -5.21 29.14
C ARG A 282 17.27 -6.38 29.60
N TYR A 283 16.79 -7.15 28.62
CA TYR A 283 15.79 -8.18 28.83
C TYR A 283 16.22 -9.66 28.79
N LEU A 284 17.29 -9.94 28.08
CA LEU A 284 17.91 -11.24 27.98
C LEU A 284 19.39 -11.15 28.36
N VAL A 285 19.88 -12.09 29.13
CA VAL A 285 21.25 -12.08 29.57
C VAL A 285 21.94 -13.31 29.04
N ILE A 286 22.69 -13.13 27.98
CA ILE A 286 23.22 -14.24 27.21
C ILE A 286 24.73 -14.25 27.16
N GLN A 287 25.34 -15.40 27.38
CA GLN A 287 26.79 -15.44 27.38
C GLN A 287 27.29 -15.04 26.00
N GLY A 288 28.22 -14.11 25.97
CA GLY A 288 28.82 -13.67 24.74
C GLY A 288 27.97 -12.74 23.89
N ASP A 289 26.89 -12.21 24.46
CA ASP A 289 25.91 -11.41 23.71
C ASP A 289 26.58 -10.21 23.07
N GLU A 290 27.59 -9.67 23.74
CA GLU A 290 28.26 -8.49 23.25
C GLU A 290 28.92 -8.73 21.89
N ARG A 291 29.34 -9.97 21.63
CA ARG A 291 29.97 -10.31 20.36
C ARG A 291 29.10 -11.10 19.32
N MET A 292 27.82 -11.33 19.63
CA MET A 292 26.95 -12.06 18.69
C MET A 292 26.66 -11.21 17.46
N HIS A 293 26.40 -11.87 16.33
CA HIS A 293 26.02 -11.20 15.12
C HIS A 293 24.71 -10.52 15.32
N LEU A 294 24.59 -9.32 14.79
CA LEU A 294 23.33 -8.62 14.79
C LEU A 294 22.85 -8.42 13.36
N PRO A 295 21.54 -8.42 13.18
CA PRO A 295 20.97 -8.26 11.84
C PRO A 295 21.33 -6.91 11.27
N SER A 296 21.84 -6.89 10.05
CA SER A 296 22.27 -5.67 9.45
C SER A 296 21.58 -5.42 8.12
N PRO A 297 21.37 -4.16 7.80
CA PRO A 297 20.61 -3.73 6.64
C PRO A 297 21.20 -4.15 5.31
N THR A 298 22.50 -4.04 5.18
CA THR A 298 23.10 -4.45 3.96
C THR A 298 22.93 -5.95 3.78
N ASP A 299 23.14 -6.67 4.87
CA ASP A 299 22.94 -8.10 4.91
C ASP A 299 21.48 -8.47 4.68
N SER A 300 20.59 -7.77 5.36
CA SER A 300 19.17 -8.03 5.20
C SER A 300 18.70 -7.79 3.79
N ASN A 301 19.15 -6.67 3.22
CA ASN A 301 18.73 -6.30 1.89
C ASN A 301 19.17 -7.36 0.92
N PHE A 302 20.36 -7.92 1.15
CA PHE A 302 20.90 -8.96 0.29
C PHE A 302 20.09 -10.25 0.32
N TYR A 303 19.78 -10.71 1.52
CA TYR A 303 19.02 -11.94 1.66
C TYR A 303 17.69 -11.70 0.95
N ARG A 304 17.07 -10.57 1.21
CA ARG A 304 15.74 -10.29 0.71
C ARG A 304 15.71 -10.24 -0.80
N ALA A 305 16.69 -9.57 -1.38
CA ALA A 305 16.74 -9.43 -2.82
C ALA A 305 16.91 -10.75 -3.53
N LEU A 306 17.72 -11.63 -2.95
CA LEU A 306 17.94 -12.95 -3.46
C LEU A 306 16.80 -13.96 -3.33
N MET A 307 16.28 -14.12 -2.12
CA MET A 307 15.26 -15.12 -1.90
C MET A 307 14.19 -14.84 -0.84
N ASP A 308 13.98 -13.58 -0.51
CA ASP A 308 12.92 -13.24 0.43
C ASP A 308 12.41 -11.87 0.08
N GLU A 309 11.72 -11.77 -1.05
CA GLU A 309 11.27 -10.50 -1.60
C GLU A 309 9.95 -9.93 -1.06
N GLU A 310 9.20 -10.72 -0.31
CA GLU A 310 7.89 -10.27 0.13
C GLU A 310 7.97 -9.03 1.03
N ASP A 311 6.95 -8.18 1.00
CA ASP A 311 6.95 -7.00 1.84
C ASP A 311 6.90 -7.42 3.29
N MET A 312 7.77 -6.87 4.09
CA MET A 312 7.88 -7.23 5.48
C MET A 312 7.20 -6.26 6.45
N ASP A 313 6.75 -5.13 5.91
CA ASP A 313 6.21 -4.08 6.74
C ASP A 313 4.88 -4.52 7.35
N ASP A 314 4.53 -4.00 8.51
CA ASP A 314 3.21 -4.19 9.08
C ASP A 314 2.26 -3.44 8.13
N VAL A 315 0.99 -3.82 8.09
CA VAL A 315 0.14 -3.26 7.06
C VAL A 315 0.11 -1.74 7.19
N VAL A 316 -0.01 -1.26 8.42
CA VAL A 316 -0.07 0.16 8.68
C VAL A 316 1.18 0.94 8.33
N ASP A 317 2.32 0.28 8.31
CA ASP A 317 3.59 0.94 8.01
C ASP A 317 4.04 0.80 6.56
N ALA A 318 3.25 0.07 5.78
CA ALA A 318 3.59 -0.18 4.39
C ALA A 318 3.41 1.07 3.53
N ASP A 319 4.20 1.16 2.47
CA ASP A 319 4.14 2.31 1.61
C ASP A 319 2.72 2.43 1.05
N GLU A 320 2.09 1.30 0.79
CA GLU A 320 0.84 1.18 0.07
C GLU A 320 -0.40 1.33 0.94
N TYR A 321 -0.22 1.58 2.23
CA TYR A 321 -1.34 1.54 3.12
C TYR A 321 -2.41 2.54 2.71
N LEU A 322 -2.00 3.78 2.47
CA LEU A 322 -2.91 4.86 2.15
C LEU A 322 -2.83 5.30 0.68
N ILE A 323 -2.01 4.64 -0.10
CA ILE A 323 -1.79 5.02 -1.49
C ILE A 323 -2.97 4.66 -2.39
N PRO A 324 -3.67 5.65 -2.91
CA PRO A 324 -4.74 5.36 -3.85
C PRO A 324 -4.13 4.93 -5.20
N ALA B 3 22.46 10.85 -4.07
CA ALA B 3 23.45 10.10 -3.33
C ALA B 3 22.93 8.71 -3.02
N PRO B 4 23.39 7.71 -3.75
CA PRO B 4 22.82 6.36 -3.60
C PRO B 4 23.03 5.85 -2.20
N ASN B 5 22.08 5.10 -1.69
CA ASN B 5 22.24 4.50 -0.40
C ASN B 5 23.16 3.32 -0.68
N GLN B 6 24.34 3.38 -0.07
CA GLN B 6 25.35 2.35 -0.28
C GLN B 6 25.00 1.03 0.34
N ALA B 7 24.01 1.05 1.21
CA ALA B 7 23.53 -0.17 1.85
C ALA B 7 22.90 -1.10 0.82
N LEU B 8 22.53 -0.54 -0.32
CA LEU B 8 21.93 -1.29 -1.40
C LEU B 8 22.87 -2.23 -2.14
N LEU B 9 24.17 -1.97 -2.06
CA LEU B 9 25.14 -2.80 -2.70
C LEU B 9 26.00 -3.53 -1.68
N ARG B 10 25.95 -4.83 -1.72
CA ARG B 10 26.78 -5.62 -0.88
C ARG B 10 28.19 -5.79 -1.46
N ILE B 11 29.18 -5.53 -0.62
CA ILE B 11 30.54 -5.76 -1.03
C ILE B 11 30.92 -7.11 -0.52
N LEU B 12 31.20 -8.03 -1.43
CA LEU B 12 31.51 -9.40 -1.10
C LEU B 12 32.98 -9.75 -1.00
N LYS B 13 33.28 -10.66 -0.10
CA LYS B 13 34.57 -11.25 -0.04
C LYS B 13 34.53 -12.51 -0.89
N GLU B 14 35.65 -12.83 -1.50
CA GLU B 14 35.79 -13.97 -2.40
C GLU B 14 35.48 -15.29 -1.69
N THR B 15 35.68 -15.28 -0.40
CA THR B 15 35.31 -16.39 0.45
C THR B 15 33.81 -16.62 0.60
N GLU B 16 33.02 -15.57 0.43
CA GLU B 16 31.57 -15.65 0.62
C GLU B 16 30.81 -16.46 -0.41
N PHE B 17 31.36 -16.59 -1.59
CA PHE B 17 30.60 -17.13 -2.69
C PHE B 17 31.44 -17.96 -3.61
N LYS B 18 30.79 -18.77 -4.41
CA LYS B 18 31.51 -19.41 -5.46
C LYS B 18 30.71 -19.65 -6.73
N LYS B 19 31.42 -19.52 -7.83
CA LYS B 19 30.87 -19.84 -9.13
C LYS B 19 30.74 -21.33 -9.24
N ILE B 20 29.59 -21.83 -9.67
CA ILE B 20 29.49 -23.25 -9.86
C ILE B 20 29.25 -23.75 -11.29
N LYS B 21 28.53 -22.98 -12.09
CA LYS B 21 28.24 -23.38 -13.45
C LYS B 21 28.07 -22.23 -14.46
N VAL B 22 28.51 -22.43 -15.68
CA VAL B 22 28.33 -21.44 -16.69
C VAL B 22 26.87 -21.37 -17.17
N LEU B 23 26.35 -20.15 -17.29
CA LEU B 23 24.99 -19.94 -17.77
C LEU B 23 24.94 -19.29 -19.12
N GLY B 24 25.93 -18.47 -19.40
CA GLY B 24 25.98 -17.80 -20.68
C GLY B 24 27.06 -16.75 -20.66
N SER B 25 27.09 -15.98 -21.72
CA SER B 25 28.06 -14.93 -21.86
C SER B 25 27.54 -13.79 -22.74
N GLY B 26 28.25 -12.70 -22.68
CA GLY B 26 27.91 -11.45 -23.31
C GLY B 26 29.19 -10.74 -23.72
N ALA B 27 29.02 -9.52 -24.21
CA ALA B 27 30.12 -8.71 -24.73
C ALA B 27 31.20 -8.36 -23.72
N PHE B 28 30.80 -8.25 -22.45
CA PHE B 28 31.66 -7.76 -21.38
C PHE B 28 32.01 -8.78 -20.29
N GLY B 29 31.34 -9.92 -20.29
CA GLY B 29 31.60 -10.93 -19.29
C GLY B 29 30.92 -12.27 -19.47
N THR B 30 31.23 -13.17 -18.55
CA THR B 30 30.66 -14.49 -18.48
C THR B 30 29.80 -14.63 -17.23
N VAL B 31 28.64 -15.21 -17.39
CA VAL B 31 27.69 -15.31 -16.33
C VAL B 31 27.59 -16.74 -15.83
N TYR B 32 27.65 -16.86 -14.51
CA TYR B 32 27.61 -18.13 -13.82
C TYR B 32 26.45 -18.20 -12.86
N LYS B 33 25.96 -19.42 -12.65
CA LYS B 33 25.22 -19.78 -11.49
C LYS B 33 26.23 -19.94 -10.36
N GLY B 34 25.91 -19.31 -9.25
CA GLY B 34 26.76 -19.22 -8.09
C GLY B 34 25.99 -19.56 -6.84
N LEU B 35 26.73 -19.74 -5.76
CA LEU B 35 26.19 -19.93 -4.42
C LEU B 35 26.79 -18.93 -3.44
N TRP B 36 25.95 -18.27 -2.68
CA TRP B 36 26.40 -17.40 -1.64
C TRP B 36 26.28 -18.18 -0.38
N ILE B 37 27.34 -18.24 0.40
CA ILE B 37 27.23 -18.86 1.72
C ILE B 37 27.42 -17.83 2.82
N PRO B 38 26.32 -17.56 3.49
CA PRO B 38 26.28 -16.55 4.54
C PRO B 38 27.17 -16.99 5.68
N GLU B 39 27.88 -16.08 6.30
CA GLU B 39 28.66 -16.34 7.40
CA GLU B 39 28.66 -16.35 7.41
C GLU B 39 27.86 -17.06 8.51
N GLY B 40 28.46 -18.10 9.04
CA GLY B 40 27.95 -18.81 10.18
C GLY B 40 26.81 -19.76 9.86
N GLU B 41 26.53 -19.94 8.56
CA GLU B 41 25.42 -20.77 8.07
C GLU B 41 25.92 -21.91 7.22
N LYS B 42 25.12 -22.96 7.10
CA LYS B 42 25.43 -24.08 6.23
C LYS B 42 24.57 -24.12 4.97
N VAL B 43 23.53 -23.31 4.93
CA VAL B 43 22.76 -23.15 3.72
C VAL B 43 23.53 -22.38 2.62
N LYS B 44 23.38 -22.86 1.40
CA LYS B 44 23.94 -22.26 0.20
C LYS B 44 22.83 -21.58 -0.61
N ILE B 45 23.00 -20.32 -0.93
CA ILE B 45 21.99 -19.56 -1.63
CA ILE B 45 21.98 -19.60 -1.64
C ILE B 45 22.26 -19.28 -3.12
N PRO B 46 21.48 -19.76 -4.07
CA PRO B 46 21.81 -19.58 -5.47
C PRO B 46 21.87 -18.10 -5.78
N VAL B 47 22.81 -17.73 -6.65
CA VAL B 47 22.98 -16.38 -7.13
C VAL B 47 23.47 -16.42 -8.58
N ALA B 48 23.40 -15.29 -9.26
CA ALA B 48 23.99 -15.15 -10.58
C ALA B 48 25.23 -14.29 -10.40
N ILE B 49 26.31 -14.67 -11.04
CA ILE B 49 27.53 -13.92 -10.99
C ILE B 49 28.08 -13.65 -12.38
N LYS B 50 28.45 -12.41 -12.63
CA LYS B 50 29.10 -12.06 -13.87
C LYS B 50 30.53 -11.75 -13.59
N GLU B 51 31.41 -12.47 -14.22
CA GLU B 51 32.82 -12.18 -14.09
C GLU B 51 33.21 -11.39 -15.32
N LEU B 52 33.75 -10.20 -15.12
CA LEU B 52 34.10 -9.37 -16.25
C LEU B 52 35.19 -10.01 -17.11
N ARG B 53 35.17 -9.73 -18.39
CA ARG B 53 36.13 -10.29 -19.30
C ARG B 53 37.56 -9.82 -19.06
N GLU B 54 37.70 -8.52 -18.85
CA GLU B 54 38.99 -7.90 -18.72
C GLU B 54 39.25 -7.46 -17.29
N ALA B 55 40.47 -7.71 -16.83
CA ALA B 55 40.91 -7.27 -15.54
C ALA B 55 40.98 -5.76 -15.50
N THR B 56 40.75 -5.20 -14.33
CA THR B 56 40.68 -3.76 -14.18
C THR B 56 41.57 -3.30 -13.07
N SER B 57 41.92 -2.03 -13.16
CA SER B 57 42.81 -1.37 -12.23
C SER B 57 42.06 -0.95 -10.97
N PRO B 58 42.79 -0.57 -9.95
CA PRO B 58 42.17 0.03 -8.79
C PRO B 58 41.49 1.35 -9.13
N LYS B 59 42.08 2.19 -9.96
CA LYS B 59 41.39 3.42 -10.37
C LYS B 59 40.11 3.18 -11.18
N ALA B 60 40.14 2.24 -12.12
CA ALA B 60 38.93 1.92 -12.86
C ALA B 60 37.86 1.34 -11.91
N ASN B 61 38.31 0.57 -10.95
CA ASN B 61 37.41 -0.11 -10.03
C ASN B 61 36.56 0.88 -9.24
N LYS B 62 37.10 2.05 -8.95
CA LYS B 62 36.39 3.09 -8.27
CA LYS B 62 36.38 3.08 -8.25
C LYS B 62 35.28 3.45 -9.21
N GLU B 63 35.51 3.59 -10.51
CA GLU B 63 34.47 3.97 -11.43
C GLU B 63 33.35 2.95 -11.53
N ILE B 64 33.74 1.69 -11.61
CA ILE B 64 32.79 0.60 -11.71
C ILE B 64 31.94 0.60 -10.44
N LEU B 65 32.62 0.71 -9.32
CA LEU B 65 31.96 0.69 -8.04
C LEU B 65 30.98 1.86 -7.94
N ASP B 66 31.38 3.01 -8.44
CA ASP B 66 30.50 4.15 -8.38
C ASP B 66 29.23 3.87 -9.17
N GLU B 67 29.37 3.31 -10.35
CA GLU B 67 28.22 2.98 -11.17
C GLU B 67 27.37 1.90 -10.49
N ALA B 68 28.02 0.98 -9.83
CA ALA B 68 27.32 -0.14 -9.21
C ALA B 68 26.32 0.33 -8.16
N TYR B 69 26.66 1.38 -7.44
CA TYR B 69 25.74 1.91 -6.45
C TYR B 69 24.47 2.37 -7.15
N VAL B 70 24.63 3.00 -8.29
CA VAL B 70 23.48 3.42 -9.05
C VAL B 70 22.65 2.20 -9.54
N MET B 71 23.34 1.19 -10.03
CA MET B 71 22.67 -0.02 -10.50
C MET B 71 21.92 -0.75 -9.37
N ALA B 72 22.44 -0.62 -8.17
CA ALA B 72 21.84 -1.19 -7.00
C ALA B 72 20.60 -0.44 -6.50
N SER B 73 20.47 0.80 -6.93
CA SER B 73 19.42 1.68 -6.46
C SER B 73 18.09 1.59 -7.17
N VAL B 74 18.05 0.87 -8.29
CA VAL B 74 16.80 0.70 -9.02
C VAL B 74 15.78 -0.08 -8.21
N ASP B 75 14.53 0.34 -8.28
CA ASP B 75 13.44 -0.28 -7.58
C ASP B 75 12.14 -0.34 -8.38
N ASN B 76 12.05 -1.29 -9.28
CA ASN B 76 10.89 -1.42 -10.14
C ASN B 76 10.74 -2.89 -10.53
N PRO B 77 9.53 -3.37 -10.60
CA PRO B 77 9.27 -4.81 -10.78
C PRO B 77 9.76 -5.28 -12.16
N HIS B 78 9.93 -4.34 -13.06
CA HIS B 78 10.35 -4.70 -14.39
C HIS B 78 11.78 -4.36 -14.75
N VAL B 79 12.57 -4.04 -13.73
CA VAL B 79 13.96 -3.74 -13.91
C VAL B 79 14.81 -4.59 -12.94
N CYS B 80 15.84 -5.23 -13.48
CA CYS B 80 16.77 -5.98 -12.65
C CYS B 80 17.61 -5.04 -11.80
N ARG B 81 17.95 -5.47 -10.60
CA ARG B 81 18.71 -4.66 -9.67
C ARG B 81 20.05 -5.36 -9.37
N LEU B 82 21.13 -4.63 -9.41
CA LEU B 82 22.44 -5.11 -9.07
C LEU B 82 22.51 -5.29 -7.55
N LEU B 83 22.93 -6.46 -7.10
CA LEU B 83 22.97 -6.71 -5.68
C LEU B 83 24.31 -6.63 -4.93
N GLY B 84 25.40 -7.01 -5.58
CA GLY B 84 26.67 -7.15 -4.93
C GLY B 84 27.84 -7.04 -5.87
N ILE B 85 29.03 -6.90 -5.32
CA ILE B 85 30.23 -6.80 -6.11
C ILE B 85 31.42 -7.37 -5.37
N CYS B 86 32.31 -8.03 -6.07
CA CYS B 86 33.57 -8.42 -5.47
C CYS B 86 34.74 -7.89 -6.27
N LEU B 87 35.59 -7.09 -5.65
CA LEU B 87 36.67 -6.41 -6.37
C LEU B 87 37.91 -7.25 -6.53
N THR B 88 37.71 -8.38 -7.18
CA THR B 88 38.76 -9.26 -7.59
C THR B 88 39.44 -8.67 -8.81
N SER B 89 40.56 -9.27 -9.17
CA SER B 89 41.38 -8.72 -10.23
C SER B 89 40.55 -8.66 -11.50
N THR B 90 39.82 -9.73 -11.78
CA THR B 90 38.73 -9.62 -12.71
C THR B 90 37.46 -9.50 -11.82
N VAL B 91 36.82 -8.36 -11.93
CA VAL B 91 35.70 -7.97 -11.09
C VAL B 91 34.50 -8.90 -11.28
N GLN B 92 33.85 -9.22 -10.17
CA GLN B 92 32.66 -10.03 -10.17
C GLN B 92 31.46 -9.28 -9.59
N LEU B 93 30.34 -9.39 -10.29
CA LEU B 93 29.10 -8.73 -9.94
C LEU B 93 28.01 -9.77 -9.67
N ILE B 94 27.17 -9.51 -8.68
CA ILE B 94 26.17 -10.46 -8.25
C ILE B 94 24.76 -9.88 -8.37
N MET B 95 23.84 -10.71 -8.84
CA MET B 95 22.42 -10.42 -8.92
C MET B 95 21.58 -11.67 -8.70
N GLN B 96 20.28 -11.51 -8.64
CA GLN B 96 19.38 -12.62 -8.45
C GLN B 96 19.44 -13.60 -9.62
N LEU B 97 19.47 -14.88 -9.32
CA LEU B 97 19.42 -15.91 -10.35
C LEU B 97 18.05 -15.97 -11.00
N MET B 98 18.04 -15.91 -12.31
CA MET B 98 16.79 -16.13 -12.99
C MET B 98 16.90 -17.30 -13.91
N PRO B 99 16.40 -18.42 -13.43
CA PRO B 99 16.56 -19.73 -14.05
C PRO B 99 15.97 -19.81 -15.47
N PHE B 100 14.93 -19.06 -15.80
CA PHE B 100 14.34 -19.05 -17.14
C PHE B 100 15.25 -18.46 -18.24
N GLY B 101 16.26 -17.73 -17.84
CA GLY B 101 17.16 -17.13 -18.81
C GLY B 101 16.64 -15.89 -19.52
N CYS B 102 17.24 -15.57 -20.66
CA CYS B 102 16.79 -14.40 -21.39
C CYS B 102 15.54 -14.62 -22.28
N LEU B 103 14.84 -13.54 -22.53
CA LEU B 103 13.59 -13.62 -23.25
C LEU B 103 13.79 -14.13 -24.69
N LEU B 104 14.85 -13.69 -25.34
CA LEU B 104 15.07 -14.11 -26.71
C LEU B 104 15.19 -15.62 -26.82
N ASP B 105 15.98 -16.24 -25.95
CA ASP B 105 16.12 -17.68 -25.97
C ASP B 105 14.78 -18.34 -25.67
N TYR B 106 14.08 -17.78 -24.71
CA TYR B 106 12.79 -18.31 -24.31
C TYR B 106 11.76 -18.30 -25.49
N VAL B 107 11.68 -17.20 -26.22
CA VAL B 107 10.77 -17.12 -27.28
CA VAL B 107 10.80 -17.08 -27.29
C VAL B 107 11.22 -18.06 -28.39
N ARG B 108 12.51 -18.22 -28.68
CA ARG B 108 12.97 -19.16 -29.67
C ARG B 108 12.63 -20.59 -29.29
N GLU B 109 12.82 -20.94 -28.01
CA GLU B 109 12.53 -22.31 -27.52
C GLU B 109 11.02 -22.59 -27.55
N HIS B 110 10.19 -21.57 -27.36
CA HIS B 110 8.76 -21.76 -27.25
C HIS B 110 8.04 -21.22 -28.46
N LYS B 111 8.73 -21.25 -29.58
CA LYS B 111 8.35 -20.55 -30.80
C LYS B 111 6.94 -20.97 -31.24
N ASP B 112 6.63 -22.25 -31.09
CA ASP B 112 5.34 -22.78 -31.49
C ASP B 112 4.21 -22.87 -30.44
N ASN B 113 4.46 -22.39 -29.23
CA ASN B 113 3.31 -22.29 -28.29
CA ASN B 113 3.43 -22.35 -28.17
C ASN B 113 3.36 -21.14 -27.41
N ILE B 114 3.52 -20.00 -28.06
CA ILE B 114 3.34 -18.72 -27.39
C ILE B 114 2.14 -17.98 -27.98
N GLY B 115 1.17 -17.65 -27.14
CA GLY B 115 0.00 -16.89 -27.52
C GLY B 115 0.11 -15.37 -27.51
N SER B 116 -0.91 -14.72 -28.04
CA SER B 116 -0.95 -13.27 -28.14
C SER B 116 -0.92 -12.57 -26.79
N GLN B 117 -1.56 -13.17 -25.79
CA GLN B 117 -1.62 -12.54 -24.49
C GLN B 117 -0.22 -12.38 -23.88
N TYR B 118 0.59 -13.43 -23.92
CA TYR B 118 1.95 -13.35 -23.41
C TYR B 118 2.77 -12.30 -24.16
N LEU B 119 2.69 -12.33 -25.49
CA LEU B 119 3.52 -11.44 -26.28
C LEU B 119 3.22 -9.97 -25.98
N LEU B 120 1.96 -9.59 -25.98
CA LEU B 120 1.57 -8.24 -25.67
C LEU B 120 1.93 -7.85 -24.20
N ASN B 121 1.74 -8.79 -23.28
CA ASN B 121 2.08 -8.54 -21.88
C ASN B 121 3.60 -8.24 -21.77
N TRP B 122 4.41 -8.99 -22.49
CA TRP B 122 5.85 -8.75 -22.48
C TRP B 122 6.16 -7.36 -23.00
N CYS B 123 5.47 -6.95 -24.04
CA CYS B 123 5.67 -5.61 -24.57
C CYS B 123 5.35 -4.56 -23.50
N VAL B 124 4.25 -4.77 -22.81
CA VAL B 124 3.87 -3.81 -21.85
C VAL B 124 4.91 -3.73 -20.73
N GLN B 125 5.31 -4.87 -20.21
CA GLN B 125 6.27 -4.93 -19.13
C GLN B 125 7.63 -4.31 -19.52
N ILE B 126 8.12 -4.59 -20.71
CA ILE B 126 9.36 -3.97 -21.13
C ILE B 126 9.24 -2.43 -21.17
N ALA B 127 8.13 -1.93 -21.67
CA ALA B 127 7.89 -0.51 -21.72
C ALA B 127 7.86 0.05 -20.31
N LYS B 128 7.26 -0.67 -19.39
CA LYS B 128 7.22 -0.21 -18.01
C LYS B 128 8.62 -0.06 -17.39
N GLY B 129 9.47 -1.04 -17.59
CA GLY B 129 10.82 -0.94 -17.08
C GLY B 129 11.62 0.21 -17.71
N MET B 130 11.47 0.35 -19.01
CA MET B 130 12.13 1.43 -19.74
C MET B 130 11.67 2.84 -19.28
N ASN B 131 10.39 2.96 -19.02
CA ASN B 131 9.83 4.19 -18.53
C ASN B 131 10.45 4.50 -17.16
N TYR B 132 10.63 3.45 -16.36
CA TYR B 132 11.23 3.62 -15.06
C TYR B 132 12.67 4.06 -15.20
N LEU B 133 13.39 3.46 -16.12
CA LEU B 133 14.76 3.87 -16.36
C LEU B 133 14.77 5.34 -16.79
N GLU B 134 13.82 5.73 -17.61
CA GLU B 134 13.73 7.13 -18.02
C GLU B 134 13.48 8.04 -16.81
N ASP B 135 12.59 7.61 -15.93
CA ASP B 135 12.27 8.38 -14.75
C ASP B 135 13.55 8.57 -13.94
N ARG B 136 14.40 7.57 -13.92
CA ARG B 136 15.62 7.61 -13.15
C ARG B 136 16.73 8.36 -13.92
N ARG B 137 16.40 8.85 -15.09
CA ARG B 137 17.39 9.46 -15.98
C ARG B 137 18.52 8.52 -16.39
N LEU B 138 18.20 7.25 -16.57
CA LEU B 138 19.16 6.27 -17.01
C LEU B 138 18.89 5.81 -18.49
N VAL B 139 19.94 5.83 -19.32
CA VAL B 139 19.84 5.38 -20.70
C VAL B 139 20.38 3.97 -20.78
N HIS B 140 19.69 3.06 -21.44
CA HIS B 140 20.14 1.70 -21.45
C HIS B 140 21.35 1.46 -22.33
N ARG B 141 21.13 1.78 -23.60
CA ARG B 141 22.10 1.75 -24.68
C ARG B 141 22.15 0.40 -25.39
N ASP B 142 21.68 -0.63 -24.71
CA ASP B 142 21.66 -1.96 -25.31
C ASP B 142 20.33 -2.73 -25.13
N LEU B 143 19.19 -2.07 -25.29
CA LEU B 143 17.94 -2.78 -25.17
C LEU B 143 17.76 -3.70 -26.37
N ALA B 144 17.51 -4.95 -26.03
CA ALA B 144 17.28 -6.01 -26.96
C ALA B 144 16.63 -7.18 -26.21
N ALA B 145 16.03 -8.09 -26.97
CA ALA B 145 15.34 -9.21 -26.40
C ALA B 145 16.31 -10.06 -25.56
N ARG B 146 17.57 -10.10 -25.95
CA ARG B 146 18.58 -10.82 -25.17
C ARG B 146 18.85 -10.17 -23.81
N ASN B 147 18.54 -8.88 -23.73
CA ASN B 147 18.76 -8.07 -22.54
C ASN B 147 17.49 -7.90 -21.69
N VAL B 148 16.57 -8.82 -21.88
CA VAL B 148 15.43 -8.90 -21.03
C VAL B 148 15.43 -10.32 -20.47
N LEU B 149 15.37 -10.40 -19.14
CA LEU B 149 15.38 -11.68 -18.47
C LEU B 149 13.97 -12.09 -18.06
N VAL B 150 13.74 -13.40 -18.00
CA VAL B 150 12.47 -13.96 -17.65
C VAL B 150 12.51 -14.43 -16.20
N LYS B 151 11.82 -13.73 -15.34
CA LYS B 151 11.64 -14.18 -13.97
C LYS B 151 10.70 -15.37 -13.79
N THR B 152 9.56 -15.26 -14.45
CA THR B 152 8.63 -16.35 -14.72
C THR B 152 8.09 -16.04 -16.11
N PRO B 153 7.37 -16.97 -16.72
CA PRO B 153 6.85 -16.71 -18.07
C PRO B 153 5.91 -15.48 -18.08
N GLN B 154 5.31 -15.19 -16.94
CA GLN B 154 4.42 -14.05 -16.82
C GLN B 154 5.10 -12.71 -16.48
N HIS B 155 6.38 -12.76 -16.14
CA HIS B 155 7.08 -11.62 -15.61
C HIS B 155 8.50 -11.48 -16.13
N VAL B 156 8.74 -10.42 -16.86
CA VAL B 156 10.04 -10.15 -17.45
C VAL B 156 10.65 -8.85 -16.91
N LYS B 157 11.97 -8.79 -16.88
CA LYS B 157 12.67 -7.67 -16.31
C LYS B 157 13.87 -7.26 -17.17
N ILE B 158 14.04 -5.96 -17.38
CA ILE B 158 15.17 -5.41 -18.12
C ILE B 158 16.52 -5.60 -17.42
N THR B 159 17.55 -5.92 -18.18
CA THR B 159 18.89 -6.13 -17.62
C THR B 159 19.97 -5.45 -18.46
N ASP B 160 21.15 -5.34 -17.90
CA ASP B 160 22.33 -4.87 -18.62
C ASP B 160 22.27 -3.39 -19.05
N PHE B 161 21.36 -2.62 -18.48
CA PHE B 161 21.40 -1.18 -18.68
C PHE B 161 22.68 -0.59 -18.06
N GLY B 162 23.30 0.31 -18.80
CA GLY B 162 24.41 1.10 -18.35
C GLY B 162 25.75 0.43 -18.52
N LEU B 163 25.76 -0.84 -18.85
CA LEU B 163 26.99 -1.58 -18.94
C LEU B 163 27.90 -1.11 -20.08
N ALA B 164 27.32 -0.92 -21.25
CA ALA B 164 28.07 -0.49 -22.41
C ALA B 164 28.68 0.90 -22.19
N LYS B 165 27.95 1.81 -21.55
CA LYS B 165 28.53 3.11 -21.29
C LYS B 165 29.71 2.97 -20.31
N LEU B 166 29.53 2.17 -19.28
CA LEU B 166 30.57 1.98 -18.30
C LEU B 166 31.84 1.34 -18.85
N LEU B 167 31.72 0.28 -19.63
CA LEU B 167 32.88 -0.51 -20.02
C LEU B 167 33.25 -0.42 -21.48
N GLY B 168 32.31 -0.01 -22.31
CA GLY B 168 32.47 -0.10 -23.74
C GLY B 168 33.64 0.66 -24.31
N ALA B 169 34.25 0.08 -25.32
CA ALA B 169 35.24 0.81 -26.07
C ALA B 169 34.60 1.37 -27.33
N LYS B 180 30.94 -4.89 -27.61
CA LYS B 180 30.53 -5.21 -28.98
C LYS B 180 29.33 -4.36 -29.39
N VAL B 181 29.20 -4.04 -30.68
CA VAL B 181 28.26 -2.99 -31.08
C VAL B 181 26.97 -3.51 -31.69
N PRO B 182 25.85 -3.31 -31.04
CA PRO B 182 24.60 -3.84 -31.60
C PRO B 182 24.01 -2.90 -32.66
N ILE B 183 24.65 -2.84 -33.82
CA ILE B 183 24.25 -1.87 -34.85
C ILE B 183 22.80 -2.04 -35.26
N LYS B 184 22.38 -3.29 -35.39
CA LYS B 184 21.04 -3.61 -35.89
C LYS B 184 19.91 -3.23 -34.90
N TRP B 185 20.28 -2.92 -33.66
CA TRP B 185 19.35 -2.41 -32.70
C TRP B 185 19.41 -0.91 -32.48
N MET B 186 20.42 -0.24 -33.05
CA MET B 186 20.73 1.14 -32.71
C MET B 186 19.96 2.19 -33.49
N ALA B 187 19.59 3.29 -32.86
CA ALA B 187 18.95 4.37 -33.56
C ALA B 187 19.99 4.92 -34.54
N LEU B 188 19.50 5.59 -35.56
CA LEU B 188 20.39 6.09 -36.60
C LEU B 188 21.38 7.08 -36.00
N GLU B 189 20.91 7.97 -35.14
CA GLU B 189 21.74 9.01 -34.52
C GLU B 189 22.85 8.39 -33.67
N SER B 190 22.56 7.25 -33.08
CA SER B 190 23.55 6.51 -32.37
C SER B 190 24.65 5.97 -33.29
N ILE B 191 24.25 5.40 -34.43
CA ILE B 191 25.22 4.90 -35.37
C ILE B 191 26.10 6.01 -35.96
N LEU B 192 25.46 7.04 -36.48
CA LEU B 192 26.14 8.21 -37.04
C LEU B 192 26.93 9.11 -36.09
N HIS B 193 26.38 9.37 -34.91
CA HIS B 193 26.95 10.34 -34.00
C HIS B 193 27.28 9.94 -32.59
N ARG B 194 27.11 8.67 -32.27
CA ARG B 194 27.24 8.14 -30.91
C ARG B 194 26.40 8.92 -29.91
N ILE B 195 25.21 9.32 -30.33
CA ILE B 195 24.27 10.00 -29.47
C ILE B 195 23.33 8.94 -28.91
N TYR B 196 23.31 8.82 -27.57
CA TYR B 196 22.39 7.92 -26.90
C TYR B 196 21.48 8.66 -25.94
N THR B 197 20.20 8.45 -26.12
CA THR B 197 19.14 9.09 -25.37
C THR B 197 17.96 8.15 -25.01
N HIS B 198 17.00 8.65 -24.26
CA HIS B 198 15.84 7.83 -24.02
C HIS B 198 15.18 7.56 -25.33
N GLN B 199 15.21 8.54 -26.20
CA GLN B 199 14.64 8.38 -27.53
C GLN B 199 15.32 7.34 -28.45
N SER B 200 16.65 7.22 -28.33
CA SER B 200 17.36 6.15 -29.03
C SER B 200 17.01 4.79 -28.45
N ASP B 201 16.82 4.73 -27.13
CA ASP B 201 16.36 3.50 -26.47
C ASP B 201 14.99 3.10 -27.07
N VAL B 202 14.18 4.11 -27.39
CA VAL B 202 12.87 3.85 -27.94
C VAL B 202 13.01 3.09 -29.27
N TRP B 203 13.99 3.48 -30.08
CA TRP B 203 14.22 2.81 -31.33
C TRP B 203 14.55 1.35 -31.08
N SER B 204 15.43 1.13 -30.15
CA SER B 204 15.81 -0.22 -29.76
C SER B 204 14.59 -1.02 -29.23
N TYR B 205 13.69 -0.34 -28.55
CA TYR B 205 12.49 -0.97 -28.04
C TYR B 205 11.72 -1.50 -29.23
N GLY B 206 11.65 -0.72 -30.29
CA GLY B 206 10.90 -1.13 -31.47
C GLY B 206 11.47 -2.39 -32.08
N VAL B 207 12.79 -2.45 -32.15
CA VAL B 207 13.44 -3.63 -32.62
C VAL B 207 13.16 -4.83 -31.69
N THR B 208 13.18 -4.58 -30.40
CA THR B 208 12.99 -5.61 -29.43
C THR B 208 11.58 -6.21 -29.63
N VAL B 209 10.59 -5.36 -29.84
CA VAL B 209 9.24 -5.82 -30.10
C VAL B 209 9.20 -6.64 -31.40
N TRP B 210 9.93 -6.22 -32.41
CA TRP B 210 10.00 -6.96 -33.65
C TRP B 210 10.57 -8.35 -33.41
N GLU B 211 11.57 -8.45 -32.54
CA GLU B 211 12.12 -9.75 -32.25
C GLU B 211 11.07 -10.66 -31.64
N LEU B 212 10.31 -10.16 -30.69
CA LEU B 212 9.28 -10.95 -30.03
C LEU B 212 8.20 -11.40 -31.04
N MET B 213 7.75 -10.47 -31.85
CA MET B 213 6.66 -10.69 -32.79
C MET B 213 7.03 -11.72 -33.89
N THR B 214 8.32 -11.87 -34.12
CA THR B 214 8.86 -12.82 -35.08
C THR B 214 9.28 -14.11 -34.38
N PHE B 215 8.98 -14.22 -33.10
CA PHE B 215 9.45 -15.35 -32.32
C PHE B 215 10.99 -15.50 -32.36
N GLY B 216 11.71 -14.39 -32.30
CA GLY B 216 13.15 -14.41 -32.25
C GLY B 216 13.99 -14.39 -33.53
N SER B 217 13.40 -13.94 -34.62
CA SER B 217 14.13 -13.82 -35.86
C SER B 217 15.20 -12.74 -35.74
N LYS B 218 16.18 -12.79 -36.61
CA LYS B 218 17.24 -11.82 -36.64
C LYS B 218 16.91 -10.62 -37.54
N PRO B 219 17.02 -9.44 -36.96
CA PRO B 219 16.72 -8.20 -37.68
C PRO B 219 17.70 -8.00 -38.84
N TYR B 220 17.17 -7.63 -39.98
CA TYR B 220 17.97 -7.30 -41.17
C TYR B 220 18.85 -8.47 -41.65
N ASP B 221 18.33 -9.69 -41.50
CA ASP B 221 19.09 -10.86 -41.87
C ASP B 221 19.47 -10.76 -43.37
N GLY B 222 20.71 -11.08 -43.66
CA GLY B 222 21.25 -10.95 -45.00
C GLY B 222 21.87 -9.60 -45.30
N ILE B 223 21.79 -8.68 -44.37
CA ILE B 223 22.41 -7.39 -44.58
C ILE B 223 23.53 -7.17 -43.58
N PRO B 224 24.73 -6.95 -44.08
CA PRO B 224 25.89 -6.72 -43.21
C PRO B 224 25.76 -5.44 -42.42
N ALA B 225 26.34 -5.48 -41.24
CA ALA B 225 26.18 -4.45 -40.22
C ALA B 225 26.68 -3.08 -40.66
N SER B 226 27.78 -3.06 -41.40
CA SER B 226 28.35 -1.84 -41.94
C SER B 226 27.43 -1.15 -42.93
N GLU B 227 26.48 -1.88 -43.49
CA GLU B 227 25.57 -1.32 -44.48
C GLU B 227 24.24 -0.80 -43.91
N ILE B 228 24.03 -1.00 -42.60
CA ILE B 228 22.73 -0.66 -42.03
C ILE B 228 22.37 0.83 -42.08
N SER B 229 23.29 1.70 -41.72
CA SER B 229 22.97 3.11 -41.70
C SER B 229 22.56 3.61 -43.07
N SER B 230 23.19 3.09 -44.11
CA SER B 230 22.77 3.37 -45.47
CA SER B 230 22.76 3.40 -45.47
C SER B 230 21.33 3.12 -45.82
N ILE B 231 20.91 1.90 -45.51
CA ILE B 231 19.51 1.56 -45.71
C ILE B 231 18.57 2.36 -44.84
N LEU B 232 18.98 2.66 -43.61
CA LEU B 232 18.15 3.44 -42.74
C LEU B 232 17.96 4.85 -43.33
N GLU B 233 19.05 5.42 -43.79
CA GLU B 233 19.02 6.75 -44.39
C GLU B 233 18.11 6.83 -45.61
N LYS B 234 17.94 5.71 -46.30
CA LYS B 234 17.11 5.64 -47.51
C LYS B 234 15.67 5.27 -47.20
N GLY B 235 15.36 5.18 -45.93
CA GLY B 235 14.03 4.83 -45.48
C GLY B 235 13.65 3.37 -45.29
N GLU B 236 14.56 2.45 -45.52
CA GLU B 236 14.22 1.07 -45.27
C GLU B 236 14.05 0.79 -43.76
N ARG B 237 13.16 -0.11 -43.44
CA ARG B 237 12.88 -0.52 -42.07
C ARG B 237 12.56 -2.01 -42.02
N LEU B 238 12.45 -2.53 -40.81
CA LEU B 238 12.16 -3.92 -40.62
C LEU B 238 10.76 -4.17 -41.13
N PRO B 239 10.53 -5.33 -41.72
CA PRO B 239 9.24 -5.67 -42.29
C PRO B 239 8.16 -5.99 -41.25
N GLN B 240 6.90 -5.94 -41.65
CA GLN B 240 5.82 -6.31 -40.79
C GLN B 240 5.85 -7.81 -40.52
N PRO B 241 5.93 -8.22 -39.26
CA PRO B 241 5.80 -9.64 -38.95
C PRO B 241 4.39 -10.15 -39.30
N PRO B 242 4.28 -11.38 -39.78
CA PRO B 242 3.01 -11.90 -40.26
C PRO B 242 1.94 -11.96 -39.19
N ILE B 243 2.34 -12.12 -37.92
CA ILE B 243 1.34 -12.08 -36.86
C ILE B 243 0.77 -10.70 -36.55
N CYS B 244 1.49 -9.65 -36.91
CA CYS B 244 1.10 -8.32 -36.53
C CYS B 244 0.01 -7.75 -37.41
N THR B 245 -1.03 -7.27 -36.77
CA THR B 245 -1.94 -6.39 -37.42
C THR B 245 -1.21 -5.09 -37.68
N ILE B 246 -1.74 -4.32 -38.60
CA ILE B 246 -1.14 -3.07 -39.01
C ILE B 246 -1.02 -2.14 -37.80
N ASP B 247 -1.92 -2.27 -36.85
CA ASP B 247 -1.91 -1.41 -35.67
C ASP B 247 -0.59 -1.56 -34.88
N VAL B 248 -0.17 -2.79 -34.70
CA VAL B 248 1.09 -3.07 -34.07
C VAL B 248 2.29 -2.58 -34.88
N TYR B 249 2.23 -2.83 -36.18
CA TYR B 249 3.29 -2.40 -37.06
C TYR B 249 3.47 -0.88 -37.08
N MET B 250 2.38 -0.13 -37.02
CA MET B 250 2.44 1.34 -37.02
C MET B 250 3.21 1.89 -35.81
N ILE B 251 2.97 1.28 -34.65
CA ILE B 251 3.72 1.63 -33.45
C ILE B 251 5.20 1.31 -33.60
N MET B 252 5.52 0.15 -34.14
CA MET B 252 6.92 -0.20 -34.36
C MET B 252 7.59 0.79 -35.31
N ARG B 253 6.94 1.10 -36.43
CA ARG B 253 7.47 2.03 -37.39
C ARG B 253 7.66 3.44 -36.77
N LYS B 254 6.81 3.82 -35.85
CA LYS B 254 6.95 5.10 -35.16
C LYS B 254 8.24 5.14 -34.35
N CYS B 255 8.64 4.01 -33.81
CA CYS B 255 9.84 3.91 -33.01
C CYS B 255 11.07 4.22 -33.87
N TRP B 256 10.93 4.08 -35.17
CA TRP B 256 12.08 4.18 -36.01
C TRP B 256 12.14 5.44 -36.84
N MET B 257 11.36 6.42 -36.44
CA MET B 257 11.42 7.67 -37.14
C MET B 257 12.78 8.33 -36.96
N ILE B 258 13.23 8.99 -38.02
CA ILE B 258 14.53 9.63 -38.04
C ILE B 258 14.56 10.72 -36.97
N ASP B 259 13.45 11.40 -36.80
CA ASP B 259 13.40 12.47 -35.83
C ASP B 259 13.08 11.87 -34.47
N ALA B 260 14.05 11.87 -33.58
CA ALA B 260 13.93 11.14 -32.34
C ALA B 260 12.75 11.64 -31.51
N ASP B 261 12.51 12.93 -31.56
CA ASP B 261 11.42 13.51 -30.81
C ASP B 261 10.04 13.15 -31.34
N SER B 262 9.95 12.78 -32.61
CA SER B 262 8.72 12.30 -33.20
C SER B 262 8.36 10.89 -32.72
N ARG B 263 9.33 10.17 -32.21
CA ARG B 263 9.14 8.82 -31.75
C ARG B 263 8.26 8.81 -30.48
N PRO B 264 7.53 7.73 -30.25
CA PRO B 264 6.68 7.63 -29.07
C PRO B 264 7.57 7.65 -27.83
N LYS B 265 6.97 8.02 -26.71
CA LYS B 265 7.60 7.93 -25.40
C LYS B 265 7.20 6.62 -24.70
N PHE B 266 8.06 6.13 -23.81
CA PHE B 266 7.79 4.86 -23.20
C PHE B 266 6.47 4.90 -22.47
N ARG B 267 6.18 6.02 -21.85
CA ARG B 267 4.94 6.19 -21.14
C ARG B 267 3.73 6.10 -22.07
N GLU B 268 3.85 6.62 -23.28
CA GLU B 268 2.86 6.42 -24.34
C GLU B 268 2.74 4.94 -24.74
N LEU B 269 3.87 4.31 -24.90
CA LEU B 269 3.97 2.91 -25.27
C LEU B 269 3.28 2.00 -24.24
N ILE B 270 3.40 2.34 -22.97
CA ILE B 270 2.77 1.53 -21.96
C ILE B 270 1.27 1.54 -22.22
N ILE B 271 0.74 2.73 -22.47
CA ILE B 271 -0.68 2.85 -22.68
C ILE B 271 -1.18 2.10 -23.92
N GLU B 272 -0.50 2.28 -25.05
CA GLU B 272 -0.94 1.63 -26.29
C GLU B 272 -0.89 0.10 -26.18
N PHE B 273 0.21 -0.44 -25.68
CA PHE B 273 0.32 -1.87 -25.49
C PHE B 273 -0.64 -2.45 -24.45
N SER B 274 -0.88 -1.69 -23.40
CA SER B 274 -1.83 -2.13 -22.41
C SER B 274 -3.22 -2.23 -23.02
N LYS B 275 -3.61 -1.26 -23.82
CA LYS B 275 -4.87 -1.33 -24.59
CA LYS B 275 -4.89 -1.35 -24.55
C LYS B 275 -5.03 -2.63 -25.39
N MET B 276 -3.96 -2.90 -26.11
CA MET B 276 -3.91 -4.06 -26.98
C MET B 276 -3.98 -5.36 -26.18
N ALA B 277 -3.32 -5.35 -25.03
CA ALA B 277 -3.23 -6.50 -24.12
C ALA B 277 -4.62 -6.84 -23.60
N ARG B 278 -5.53 -5.86 -23.68
CA ARG B 278 -6.95 -6.06 -23.26
CA ARG B 278 -6.95 -6.06 -23.26
C ARG B 278 -7.92 -6.93 -24.11
N ASP B 279 -7.57 -6.91 -25.40
CA ASP B 279 -8.27 -7.65 -26.47
C ASP B 279 -7.18 -8.08 -27.44
N PRO B 280 -6.13 -9.06 -27.07
CA PRO B 280 -4.90 -9.46 -27.73
C PRO B 280 -5.12 -10.09 -29.10
N GLN B 281 -6.14 -10.90 -29.21
CA GLN B 281 -6.48 -11.55 -30.47
C GLN B 281 -6.96 -10.57 -31.54
N ARG B 282 -7.39 -9.40 -31.13
CA ARG B 282 -7.67 -8.34 -32.07
C ARG B 282 -6.41 -7.84 -32.77
N TYR B 283 -5.32 -7.76 -32.03
CA TYR B 283 -4.11 -7.10 -32.46
C TYR B 283 -3.00 -8.00 -33.02
N LEU B 284 -3.03 -9.26 -32.64
CA LEU B 284 -2.09 -10.26 -33.11
C LEU B 284 -2.87 -11.45 -33.68
N VAL B 285 -2.41 -11.98 -34.79
CA VAL B 285 -3.09 -13.06 -35.44
C VAL B 285 -2.18 -14.26 -35.47
N ILE B 286 -2.48 -15.19 -34.57
CA ILE B 286 -1.66 -16.36 -34.41
C ILE B 286 -2.42 -17.68 -34.60
N GLN B 287 -1.85 -18.58 -35.38
CA GLN B 287 -2.50 -19.80 -35.75
C GLN B 287 -2.70 -20.58 -34.47
N GLY B 288 -3.93 -20.94 -34.16
CA GLY B 288 -4.21 -21.73 -32.99
C GLY B 288 -4.07 -20.99 -31.66
N ASP B 289 -4.13 -19.67 -31.73
CA ASP B 289 -4.01 -18.80 -30.59
C ASP B 289 -5.11 -19.16 -29.61
N GLU B 290 -6.26 -19.54 -30.13
CA GLU B 290 -7.40 -19.90 -29.31
C GLU B 290 -7.11 -21.11 -28.41
N ARG B 291 -6.07 -21.89 -28.76
CA ARG B 291 -5.67 -23.11 -28.00
C ARG B 291 -4.37 -22.92 -27.21
N MET B 292 -3.69 -21.77 -27.32
CA MET B 292 -2.47 -21.51 -26.62
C MET B 292 -2.77 -21.32 -25.13
N HIS B 293 -1.79 -21.66 -24.32
CA HIS B 293 -1.84 -21.44 -22.91
C HIS B 293 -1.92 -19.97 -22.63
N LEU B 294 -2.79 -19.61 -21.70
CA LEU B 294 -2.95 -18.23 -21.29
C LEU B 294 -2.47 -18.08 -19.88
N PRO B 295 -1.96 -16.91 -19.56
CA PRO B 295 -1.61 -16.68 -18.17
C PRO B 295 -2.88 -16.83 -17.39
N SER B 296 -2.86 -17.54 -16.27
CA SER B 296 -4.01 -17.65 -15.41
C SER B 296 -3.65 -17.32 -13.97
N PRO B 297 -4.64 -16.88 -13.22
CA PRO B 297 -4.41 -16.46 -11.85
C PRO B 297 -3.82 -17.59 -11.03
N THR B 298 -4.27 -18.82 -11.26
CA THR B 298 -3.81 -19.99 -10.51
C THR B 298 -2.33 -20.29 -10.71
N ASP B 299 -1.94 -20.34 -11.99
CA ASP B 299 -0.52 -20.58 -12.39
C ASP B 299 0.32 -19.44 -11.83
N SER B 300 -0.20 -18.20 -11.91
CA SER B 300 0.50 -16.98 -11.39
CA SER B 300 0.50 -16.98 -11.39
C SER B 300 0.79 -16.79 -9.87
N ASN B 301 -0.21 -17.29 -9.12
CA ASN B 301 -0.18 -17.28 -7.64
C ASN B 301 0.85 -18.35 -7.21
N PHE B 302 0.82 -19.51 -7.87
CA PHE B 302 1.77 -20.55 -7.55
C PHE B 302 3.21 -20.16 -7.90
N TYR B 303 3.42 -19.62 -9.09
CA TYR B 303 4.73 -19.17 -9.51
C TYR B 303 5.23 -18.08 -8.56
N ARG B 304 4.36 -17.13 -8.24
CA ARG B 304 4.77 -16.03 -7.39
C ARG B 304 5.20 -16.47 -5.98
N ALA B 305 4.39 -17.34 -5.40
CA ALA B 305 4.68 -17.88 -4.10
C ALA B 305 5.99 -18.68 -4.07
N LEU B 306 6.22 -19.50 -5.07
CA LEU B 306 7.50 -20.20 -5.13
C LEU B 306 8.72 -19.38 -5.49
N MET B 307 8.61 -18.57 -6.52
CA MET B 307 9.80 -17.93 -7.04
C MET B 307 9.74 -16.43 -7.38
N ASP B 308 8.61 -15.77 -7.11
CA ASP B 308 8.48 -14.36 -7.52
C ASP B 308 7.53 -13.66 -6.55
N GLU B 309 8.03 -13.39 -5.35
CA GLU B 309 7.28 -12.77 -4.30
C GLU B 309 7.35 -11.24 -4.30
N GLU B 310 8.00 -10.62 -5.28
CA GLU B 310 8.13 -9.16 -5.25
C GLU B 310 6.79 -8.49 -5.53
N ASP B 311 6.58 -7.31 -4.97
CA ASP B 311 5.34 -6.58 -5.19
C ASP B 311 5.32 -6.11 -6.62
N MET B 312 4.15 -6.18 -7.21
CA MET B 312 3.99 -5.98 -8.62
C MET B 312 3.09 -4.79 -8.80
N PRO C 4 -34.06 8.28 8.39
CA PRO C 4 -32.87 8.94 7.83
C PRO C 4 -32.87 8.95 6.29
N ASN C 5 -32.00 9.77 5.72
CA ASN C 5 -31.80 9.80 4.30
C ASN C 5 -30.99 8.61 3.74
N GLN C 6 -31.58 7.96 2.76
CA GLN C 6 -31.04 6.82 2.06
C GLN C 6 -29.76 7.11 1.30
N ALA C 7 -29.63 8.33 0.82
CA ALA C 7 -28.45 8.71 0.04
C ALA C 7 -27.16 8.62 0.86
N LEU C 8 -27.29 8.66 2.17
CA LEU C 8 -26.15 8.67 3.09
C LEU C 8 -25.43 7.33 3.20
N LEU C 9 -26.14 6.25 2.88
CA LEU C 9 -25.57 4.91 2.89
C LEU C 9 -25.54 4.30 1.49
N ARG C 10 -24.36 4.04 0.99
CA ARG C 10 -24.22 3.40 -0.30
C ARG C 10 -24.41 1.88 -0.20
N ILE C 11 -25.23 1.36 -1.09
CA ILE C 11 -25.40 -0.07 -1.24
C ILE C 11 -24.45 -0.51 -2.34
N LEU C 12 -23.51 -1.36 -1.97
CA LEU C 12 -22.41 -1.73 -2.85
C LEU C 12 -22.58 -3.05 -3.61
N LYS C 13 -22.04 -3.08 -4.82
CA LYS C 13 -21.79 -4.31 -5.53
C LYS C 13 -20.50 -4.97 -5.06
N GLU C 14 -20.45 -6.29 -5.12
CA GLU C 14 -19.24 -7.00 -4.79
C GLU C 14 -18.15 -6.59 -5.74
N THR C 15 -18.54 -6.24 -6.96
CA THR C 15 -17.60 -5.86 -7.99
C THR C 15 -16.90 -4.52 -7.77
N GLU C 16 -17.43 -3.67 -6.91
CA GLU C 16 -16.83 -2.37 -6.74
C GLU C 16 -15.84 -2.19 -5.59
N PHE C 17 -15.49 -3.25 -4.90
CA PHE C 17 -14.54 -3.12 -3.81
C PHE C 17 -13.82 -4.42 -3.59
N LYS C 18 -12.66 -4.33 -2.99
CA LYS C 18 -11.88 -5.51 -2.67
C LYS C 18 -11.15 -5.39 -1.33
N LYS C 19 -11.14 -6.45 -0.57
CA LYS C 19 -10.34 -6.50 0.65
C LYS C 19 -8.89 -6.82 0.30
N ILE C 20 -7.97 -6.00 0.77
CA ILE C 20 -6.58 -6.19 0.47
C ILE C 20 -5.74 -6.81 1.60
N LYS C 21 -5.79 -6.22 2.79
CA LYS C 21 -5.00 -6.64 3.93
C LYS C 21 -5.79 -6.57 5.21
N VAL C 22 -5.51 -7.48 6.13
CA VAL C 22 -6.11 -7.46 7.43
C VAL C 22 -5.57 -6.35 8.29
N LEU C 23 -6.46 -5.66 8.98
CA LEU C 23 -6.02 -4.64 9.91
C LEU C 23 -6.20 -5.02 11.37
N GLY C 24 -7.27 -5.75 11.63
CA GLY C 24 -7.63 -6.13 12.98
C GLY C 24 -8.98 -6.79 13.07
N SER C 25 -9.38 -7.07 14.30
CA SER C 25 -10.60 -7.80 14.55
C SER C 25 -11.23 -7.45 15.91
N GLY C 26 -12.49 -7.81 16.02
CA GLY C 26 -13.30 -7.47 17.16
C GLY C 26 -14.29 -8.58 17.39
N ALA C 27 -15.22 -8.35 18.30
CA ALA C 27 -16.14 -9.37 18.72
C ALA C 27 -17.01 -9.88 17.57
N PHE C 28 -17.31 -9.01 16.62
CA PHE C 28 -18.29 -9.29 15.58
C PHE C 28 -17.78 -9.43 14.13
N GLY C 29 -16.55 -9.05 13.90
CA GLY C 29 -16.03 -9.00 12.56
C GLY C 29 -14.54 -8.78 12.47
N THR C 30 -14.03 -8.85 11.26
CA THR C 30 -12.65 -8.59 10.97
C THR C 30 -12.58 -7.36 10.04
N VAL C 31 -11.63 -6.48 10.29
CA VAL C 31 -11.44 -5.27 9.53
C VAL C 31 -10.25 -5.37 8.58
N TYR C 32 -10.46 -4.94 7.35
CA TYR C 32 -9.48 -4.95 6.29
C TYR C 32 -9.17 -3.58 5.69
N LYS C 33 -7.94 -3.34 5.28
CA LYS C 33 -7.63 -2.28 4.35
C LYS C 33 -8.19 -2.82 3.07
N GLY C 34 -9.04 -2.02 2.46
CA GLY C 34 -9.69 -2.37 1.21
C GLY C 34 -9.57 -1.28 0.15
N LEU C 35 -9.98 -1.61 -1.06
CA LEU C 35 -10.02 -0.65 -2.14
C LEU C 35 -11.43 -0.48 -2.73
N TRP C 36 -11.86 0.75 -2.92
CA TRP C 36 -13.10 1.04 -3.58
C TRP C 36 -12.74 1.38 -4.98
N ILE C 37 -13.47 0.79 -5.90
CA ILE C 37 -13.14 0.84 -7.31
C ILE C 37 -14.36 1.40 -8.04
N PRO C 38 -14.43 2.71 -8.15
CA PRO C 38 -15.62 3.32 -8.73
C PRO C 38 -15.80 2.83 -10.17
N GLU C 39 -17.02 2.53 -10.56
CA GLU C 39 -17.25 1.93 -11.86
C GLU C 39 -16.87 2.85 -13.00
N GLY C 40 -16.15 2.33 -13.96
CA GLY C 40 -15.77 3.09 -15.11
C GLY C 40 -14.57 3.99 -14.91
N GLU C 41 -13.99 3.95 -13.71
CA GLU C 41 -12.81 4.72 -13.36
C GLU C 41 -11.59 3.82 -13.29
N LYS C 42 -10.41 4.41 -13.35
CA LYS C 42 -9.18 3.65 -13.18
C LYS C 42 -8.45 3.89 -11.84
N VAL C 43 -9.13 4.52 -10.92
CA VAL C 43 -8.53 4.87 -9.66
C VAL C 43 -9.13 3.96 -8.60
N LYS C 44 -8.30 3.56 -7.65
CA LYS C 44 -8.71 2.70 -6.57
C LYS C 44 -8.46 3.43 -5.27
N ILE C 45 -9.49 3.53 -4.45
CA ILE C 45 -9.46 4.38 -3.28
C ILE C 45 -9.50 3.58 -1.97
N PRO C 46 -8.52 3.81 -1.11
CA PRO C 46 -8.43 3.06 0.13
C PRO C 46 -9.62 3.29 1.05
N VAL C 47 -10.12 2.22 1.65
CA VAL C 47 -11.24 2.26 2.57
C VAL C 47 -11.02 1.21 3.69
N ALA C 48 -11.83 1.29 4.73
CA ALA C 48 -11.92 0.25 5.72
C ALA C 48 -13.15 -0.58 5.40
N ILE C 49 -12.98 -1.89 5.48
CA ILE C 49 -14.06 -2.82 5.28
C ILE C 49 -14.13 -3.84 6.42
N LYS C 50 -15.26 -3.96 7.09
CA LYS C 50 -15.49 -4.99 8.08
C LYS C 50 -16.33 -6.12 7.50
N GLU C 51 -15.82 -7.33 7.58
CA GLU C 51 -16.61 -8.48 7.23
C GLU C 51 -17.11 -9.12 8.54
N LEU C 52 -18.41 -9.24 8.69
CA LEU C 52 -19.00 -9.83 9.87
C LEU C 52 -18.56 -11.29 10.04
N ARG C 53 -18.39 -11.69 11.29
CA ARG C 53 -17.97 -13.03 11.68
C ARG C 53 -18.97 -14.08 11.26
N GLU C 54 -20.24 -13.81 11.47
CA GLU C 54 -21.30 -14.75 11.19
C GLU C 54 -22.10 -14.42 9.93
N ALA C 55 -22.33 -15.43 9.12
CA ALA C 55 -23.21 -15.31 7.97
C ALA C 55 -24.61 -15.04 8.48
N THR C 56 -25.35 -14.25 7.72
CA THR C 56 -26.66 -13.83 8.11
C THR C 56 -27.73 -14.15 7.05
N SER C 57 -28.95 -14.39 7.53
CA SER C 57 -30.13 -14.52 6.69
C SER C 57 -30.59 -13.18 6.13
N PRO C 58 -31.44 -13.21 5.12
CA PRO C 58 -31.89 -11.96 4.51
C PRO C 58 -32.66 -11.11 5.52
N LYS C 59 -33.44 -11.74 6.38
CA LYS C 59 -34.15 -11.04 7.42
C LYS C 59 -33.24 -10.38 8.46
N ALA C 60 -32.17 -11.05 8.80
CA ALA C 60 -31.14 -10.48 9.66
C ALA C 60 -30.53 -9.30 8.94
N ASN C 61 -30.32 -9.48 7.64
CA ASN C 61 -29.70 -8.46 6.83
C ASN C 61 -30.55 -7.17 6.81
N LYS C 62 -31.85 -7.36 6.83
CA LYS C 62 -32.76 -6.25 6.86
C LYS C 62 -32.68 -5.43 8.12
N GLU C 63 -32.60 -6.12 9.25
CA GLU C 63 -32.37 -5.43 10.53
C GLU C 63 -31.03 -4.72 10.46
N ILE C 64 -30.01 -5.37 9.95
CA ILE C 64 -28.72 -4.73 9.86
C ILE C 64 -28.80 -3.49 8.95
N LEU C 65 -29.42 -3.65 7.78
CA LEU C 65 -29.53 -2.56 6.85
C LEU C 65 -30.29 -1.38 7.50
N ASP C 66 -31.37 -1.69 8.19
CA ASP C 66 -32.18 -0.66 8.81
C ASP C 66 -31.35 0.11 9.84
N GLU C 67 -30.56 -0.61 10.63
CA GLU C 67 -29.64 0.06 11.53
C GLU C 67 -28.50 0.82 10.82
N ALA C 68 -28.04 0.27 9.72
CA ALA C 68 -26.95 0.85 8.98
C ALA C 68 -27.31 2.27 8.51
N TYR C 69 -28.55 2.47 8.11
CA TYR C 69 -28.97 3.78 7.66
C TYR C 69 -28.79 4.77 8.81
N VAL C 70 -29.12 4.37 10.00
CA VAL C 70 -28.94 5.24 11.16
C VAL C 70 -27.46 5.53 11.39
N MET C 71 -26.63 4.53 11.27
CA MET C 71 -25.20 4.70 11.48
C MET C 71 -24.58 5.65 10.45
N ALA C 72 -25.16 5.69 9.28
CA ALA C 72 -24.69 6.57 8.22
C ALA C 72 -25.17 8.01 8.34
N SER C 73 -26.12 8.23 9.21
CA SER C 73 -26.70 9.55 9.41
C SER C 73 -25.99 10.48 10.40
N VAL C 74 -24.99 9.96 11.10
CA VAL C 74 -24.27 10.78 12.06
C VAL C 74 -23.41 11.83 11.38
N ASP C 75 -23.32 12.99 11.98
CA ASP C 75 -22.48 14.02 11.41
C ASP C 75 -21.91 14.82 12.55
N ASN C 76 -20.73 14.40 13.01
CA ASN C 76 -20.02 15.08 14.08
C ASN C 76 -18.53 14.76 13.96
N PRO C 77 -17.67 15.71 14.26
CA PRO C 77 -16.23 15.54 14.03
C PRO C 77 -15.62 14.43 14.89
N HIS C 78 -16.32 14.03 15.93
CA HIS C 78 -15.81 13.07 16.89
C HIS C 78 -16.54 11.77 16.90
N VAL C 79 -17.29 11.53 15.84
CA VAL C 79 -17.99 10.31 15.68
C VAL C 79 -17.78 9.74 14.26
N CYS C 80 -17.41 8.47 14.18
CA CYS C 80 -17.30 7.81 12.89
C CYS C 80 -18.67 7.61 12.21
N ARG C 81 -18.68 7.71 10.89
CA ARG C 81 -19.90 7.53 10.13
C ARG C 81 -19.78 6.30 9.22
N LEU C 82 -20.80 5.45 9.26
CA LEU C 82 -20.86 4.28 8.40
C LEU C 82 -21.16 4.79 7.00
N LEU C 83 -20.43 4.31 6.01
CA LEU C 83 -20.58 4.83 4.64
C LEU C 83 -21.28 3.92 3.63
N GLY C 84 -21.05 2.62 3.73
CA GLY C 84 -21.58 1.69 2.75
C GLY C 84 -21.75 0.27 3.24
N ILE C 85 -22.59 -0.49 2.55
CA ILE C 85 -22.86 -1.87 2.90
C ILE C 85 -23.07 -2.78 1.70
N CYS C 86 -22.53 -3.98 1.79
CA CYS C 86 -22.73 -4.99 0.79
C CYS C 86 -23.38 -6.20 1.43
N LEU C 87 -24.60 -6.48 1.01
CA LEU C 87 -25.43 -7.45 1.69
C LEU C 87 -25.17 -8.86 1.20
N THR C 88 -23.92 -9.23 1.22
CA THR C 88 -23.51 -10.57 0.93
C THR C 88 -23.85 -11.47 2.11
N SER C 89 -23.80 -12.76 1.84
CA SER C 89 -24.29 -13.76 2.77
C SER C 89 -23.54 -13.55 4.07
N THR C 90 -22.27 -13.23 3.95
CA THR C 90 -21.56 -12.64 5.04
C THR C 90 -21.39 -11.13 4.77
N VAL C 91 -22.06 -10.34 5.57
CA VAL C 91 -22.19 -8.91 5.35
C VAL C 91 -20.85 -8.17 5.44
N GLN C 92 -20.69 -7.17 4.59
CA GLN C 92 -19.51 -6.36 4.57
C GLN C 92 -19.87 -4.87 4.67
N LEU C 93 -19.17 -4.15 5.53
CA LEU C 93 -19.45 -2.76 5.79
C LEU C 93 -18.23 -1.91 5.46
N ILE C 94 -18.50 -0.73 4.92
CA ILE C 94 -17.45 0.16 4.53
C ILE C 94 -17.52 1.50 5.26
N MET C 95 -16.37 1.92 5.77
CA MET C 95 -16.14 3.24 6.30
C MET C 95 -14.79 3.83 5.87
N GLN C 96 -14.55 5.07 6.25
CA GLN C 96 -13.29 5.72 5.92
C GLN C 96 -12.14 5.06 6.64
N LEU C 97 -11.00 4.92 5.99
CA LEU C 97 -9.82 4.40 6.65
C LEU C 97 -9.29 5.43 7.67
N MET C 98 -9.13 5.02 8.92
CA MET C 98 -8.49 5.84 9.94
C MET C 98 -7.05 5.29 10.14
N PRO C 99 -6.10 6.02 9.60
CA PRO C 99 -4.75 5.51 9.39
C PRO C 99 -4.05 5.08 10.68
N PHE C 100 -4.29 5.77 11.79
CA PHE C 100 -3.56 5.55 13.04
C PHE C 100 -4.15 4.45 13.93
N GLY C 101 -5.15 3.75 13.42
CA GLY C 101 -5.71 2.63 14.13
C GLY C 101 -6.48 3.03 15.37
N CYS C 102 -6.66 2.11 16.32
CA CYS C 102 -7.42 2.41 17.51
C CYS C 102 -6.59 3.08 18.60
N LEU C 103 -7.24 3.86 19.44
CA LEU C 103 -6.60 4.70 20.41
C LEU C 103 -5.80 3.84 21.43
N LEU C 104 -6.37 2.71 21.82
CA LEU C 104 -5.69 1.87 22.79
C LEU C 104 -4.34 1.40 22.29
N ASP C 105 -4.33 0.88 21.07
CA ASP C 105 -3.09 0.44 20.47
C ASP C 105 -2.13 1.63 20.32
N TYR C 106 -2.67 2.77 19.93
CA TYR C 106 -1.85 3.96 19.73
C TYR C 106 -1.16 4.39 21.03
N VAL C 107 -1.93 4.42 22.11
CA VAL C 107 -1.39 4.78 23.39
C VAL C 107 -0.34 3.77 23.88
N ARG C 108 -0.63 2.49 23.73
CA ARG C 108 0.34 1.49 24.12
C ARG C 108 1.62 1.62 23.29
N GLU C 109 1.50 1.82 22.00
CA GLU C 109 2.65 2.02 21.15
C GLU C 109 3.48 3.31 21.44
N HIS C 110 2.82 4.40 21.76
CA HIS C 110 3.44 5.68 21.91
C HIS C 110 3.59 6.15 23.33
N LYS C 111 3.53 5.23 24.27
CA LYS C 111 3.38 5.58 25.67
C LYS C 111 4.51 6.50 26.22
N ASP C 112 5.74 6.32 25.75
CA ASP C 112 6.89 7.19 26.09
C ASP C 112 6.79 8.64 25.61
N ASN C 113 5.94 8.88 24.63
CA ASN C 113 5.81 10.19 23.99
C ASN C 113 4.44 10.88 24.06
N ILE C 114 3.64 10.49 25.03
CA ILE C 114 2.34 11.06 25.21
C ILE C 114 2.29 11.84 26.52
N GLY C 115 1.87 13.09 26.41
CA GLY C 115 1.85 14.00 27.51
C GLY C 115 0.46 14.45 27.88
N SER C 116 0.39 15.35 28.84
CA SER C 116 -0.88 15.76 29.38
C SER C 116 -1.80 16.42 28.35
N GLN C 117 -1.24 17.21 27.46
CA GLN C 117 -2.08 17.90 26.53
CA GLN C 117 -2.09 17.91 26.53
C GLN C 117 -2.86 16.91 25.55
N TYR C 118 -2.22 15.93 24.98
CA TYR C 118 -2.94 14.97 24.18
C TYR C 118 -3.98 14.19 25.01
N LEU C 119 -3.56 13.69 26.15
CA LEU C 119 -4.48 12.86 26.91
C LEU C 119 -5.76 13.62 27.30
N LEU C 120 -5.62 14.83 27.81
CA LEU C 120 -6.77 15.63 28.15
C LEU C 120 -7.66 16.00 26.93
N ASN C 121 -7.02 16.32 25.83
CA ASN C 121 -7.74 16.60 24.60
C ASN C 121 -8.51 15.40 24.04
N TRP C 122 -7.95 14.21 24.14
CA TRP C 122 -8.65 13.00 23.76
C TRP C 122 -9.87 12.82 24.61
N CYS C 123 -9.72 13.13 25.88
CA CYS C 123 -10.82 13.01 26.81
C CYS C 123 -11.95 13.95 26.42
N VAL C 124 -11.58 15.16 26.05
CA VAL C 124 -12.55 16.14 25.64
C VAL C 124 -13.27 15.68 24.36
N GLN C 125 -12.51 15.24 23.39
CA GLN C 125 -13.08 14.78 22.13
C GLN C 125 -14.00 13.57 22.27
N ILE C 126 -13.59 12.61 23.07
CA ILE C 126 -14.42 11.47 23.31
C ILE C 126 -15.74 11.91 23.96
N ALA C 127 -15.64 12.85 24.89
CA ALA C 127 -16.82 13.37 25.54
C ALA C 127 -17.73 14.05 24.52
N LYS C 128 -17.13 14.78 23.60
CA LYS C 128 -17.89 15.46 22.54
C LYS C 128 -18.65 14.47 21.66
N GLY C 129 -17.97 13.45 21.18
CA GLY C 129 -18.65 12.43 20.39
C GLY C 129 -19.75 11.73 21.19
N MET C 130 -19.47 11.38 22.43
CA MET C 130 -20.51 10.74 23.25
C MET C 130 -21.73 11.67 23.46
N ASN C 131 -21.47 12.94 23.65
CA ASN C 131 -22.54 13.89 23.83
C ASN C 131 -23.41 13.92 22.57
N TYR C 132 -22.78 13.90 21.40
CA TYR C 132 -23.51 13.88 20.14
C TYR C 132 -24.37 12.62 19.99
N LEU C 133 -23.80 11.49 20.37
CA LEU C 133 -24.55 10.26 20.33
C LEU C 133 -25.77 10.38 21.23
N GLU C 134 -25.59 10.98 22.40
CA GLU C 134 -26.70 11.22 23.29
C GLU C 134 -27.73 12.16 22.64
N ASP C 135 -27.25 13.17 21.96
CA ASP C 135 -28.13 14.10 21.30
C ASP C 135 -28.99 13.31 20.29
N ARG C 136 -28.42 12.30 19.70
CA ARG C 136 -29.03 11.53 18.63
C ARG C 136 -29.85 10.35 19.20
N ARG C 137 -29.87 10.29 20.52
CA ARG C 137 -30.57 9.27 21.25
C ARG C 137 -30.05 7.88 20.90
N LEU C 138 -28.74 7.80 20.81
CA LEU C 138 -28.02 6.58 20.54
C LEU C 138 -27.14 6.17 21.74
N VAL C 139 -27.24 4.93 22.11
CA VAL C 139 -26.43 4.34 23.15
C VAL C 139 -25.33 3.49 22.54
N HIS C 140 -24.12 3.56 23.07
CA HIS C 140 -23.02 2.88 22.46
C HIS C 140 -23.00 1.42 22.81
N ARG C 141 -22.89 1.19 24.11
CA ARG C 141 -22.91 -0.10 24.76
C ARG C 141 -21.55 -0.77 24.85
N ASP C 142 -20.60 -0.27 24.07
CA ASP C 142 -19.25 -0.81 24.08
C ASP C 142 -18.15 0.26 24.02
N LEU C 143 -18.32 1.36 24.74
CA LEU C 143 -17.30 2.39 24.76
C LEU C 143 -16.05 1.87 25.48
N ALA C 144 -14.95 1.99 24.78
CA ALA C 144 -13.66 1.57 25.27
C ALA C 144 -12.60 2.24 24.37
N ALA C 145 -11.38 2.27 24.86
CA ALA C 145 -10.30 2.88 24.13
C ALA C 145 -10.08 2.15 22.80
N ARG C 146 -10.35 0.85 22.78
CA ARG C 146 -10.23 0.06 21.55
CA ARG C 146 -10.22 0.07 21.54
C ARG C 146 -11.38 0.56 20.54
N ASN C 147 -12.44 1.15 21.06
CA ASN C 147 -13.55 1.64 20.25
C ASN C 147 -13.54 3.16 19.94
N VAL C 148 -12.35 3.74 20.04
CA VAL C 148 -12.04 5.06 19.55
C VAL C 148 -10.89 4.93 18.54
N LEU C 149 -11.09 5.52 17.38
CA LEU C 149 -10.16 5.48 16.27
C LEU C 149 -9.43 6.81 16.13
N VAL C 150 -8.19 6.75 15.68
CA VAL C 150 -7.34 7.88 15.61
C VAL C 150 -7.23 8.31 14.14
N LYS C 151 -7.90 9.38 13.77
CA LYS C 151 -7.75 9.93 12.44
C LYS C 151 -6.40 10.59 12.21
N THR C 152 -6.02 11.41 13.18
CA THR C 152 -4.69 11.89 13.36
C THR C 152 -4.47 11.89 14.87
N PRO C 153 -3.23 11.99 15.31
CA PRO C 153 -2.99 11.90 16.75
C PRO C 153 -3.70 13.04 17.45
N GLN C 154 -4.00 14.11 16.72
CA GLN C 154 -4.72 15.23 17.26
C GLN C 154 -6.26 15.12 17.13
N HIS C 155 -6.77 14.03 16.56
CA HIS C 155 -8.18 13.98 16.25
C HIS C 155 -8.72 12.56 16.31
N VAL C 156 -9.41 12.24 17.40
CA VAL C 156 -9.99 10.93 17.58
C VAL C 156 -11.51 10.93 17.36
N LYS C 157 -12.02 9.75 17.01
CA LYS C 157 -13.41 9.54 16.69
C LYS C 157 -13.94 8.25 17.28
N ILE C 158 -15.13 8.31 17.86
CA ILE C 158 -15.78 7.13 18.36
C ILE C 158 -16.28 6.16 17.26
N THR C 159 -16.10 4.87 17.50
CA THR C 159 -16.51 3.85 16.56
C THR C 159 -17.33 2.74 17.21
N ASP C 160 -17.96 1.93 16.38
CA ASP C 160 -18.63 0.70 16.81
C ASP C 160 -19.83 0.91 17.74
N PHE C 161 -20.39 2.11 17.78
CA PHE C 161 -21.64 2.28 18.48
C PHE C 161 -22.78 1.53 17.80
N GLY C 162 -23.63 0.94 18.61
CA GLY C 162 -24.83 0.25 18.18
C GLY C 162 -24.62 -1.17 17.70
N LEU C 163 -23.37 -1.56 17.49
CA LEU C 163 -23.06 -2.86 16.96
C LEU C 163 -23.44 -3.99 17.93
N ALA C 164 -23.14 -3.79 19.19
CA ALA C 164 -23.41 -4.79 20.20
C ALA C 164 -24.90 -5.02 20.36
N LYS C 165 -25.69 -3.96 20.33
CA LYS C 165 -27.13 -4.11 20.43
C LYS C 165 -27.67 -4.86 19.20
N LEU C 166 -27.17 -4.47 18.04
CA LEU C 166 -27.62 -5.04 16.80
C LEU C 166 -27.35 -6.54 16.72
N LEU C 167 -26.14 -6.96 17.04
CA LEU C 167 -25.71 -8.34 16.91
C LEU C 167 -25.58 -9.15 18.21
N GLY C 168 -25.52 -8.48 19.34
CA GLY C 168 -25.29 -9.14 20.62
C GLY C 168 -26.46 -9.13 21.57
N ALA C 169 -27.56 -8.49 21.19
CA ALA C 169 -28.67 -8.37 22.09
C ALA C 169 -29.14 -9.79 22.43
N GLU C 170 -29.48 -10.02 23.68
CA GLU C 170 -29.77 -11.39 24.10
C GLU C 170 -30.99 -11.94 23.37
N GLU C 171 -31.04 -13.24 23.15
CA GLU C 171 -32.08 -13.76 22.31
C GLU C 171 -31.61 -13.74 20.87
N LYS C 172 -30.36 -13.39 20.69
CA LYS C 172 -29.80 -13.26 19.35
C LYS C 172 -28.58 -14.14 19.35
N GLU C 173 -27.97 -14.31 18.19
CA GLU C 173 -27.05 -15.39 17.98
C GLU C 173 -25.81 -15.43 18.86
N TYR C 174 -25.09 -14.32 18.96
CA TYR C 174 -23.83 -14.25 19.70
C TYR C 174 -24.00 -14.53 21.19
N HIS C 175 -25.02 -13.97 21.82
CA HIS C 175 -25.32 -14.24 23.22
C HIS C 175 -25.71 -15.69 23.48
N ALA C 176 -26.44 -16.26 22.54
CA ALA C 176 -26.89 -17.62 22.58
C ALA C 176 -25.68 -18.55 22.60
N GLU C 177 -24.58 -18.08 22.05
CA GLU C 177 -23.39 -18.88 21.95
C GLU C 177 -22.51 -18.63 23.15
N GLY C 178 -23.09 -18.03 24.19
CA GLY C 178 -22.30 -17.57 25.31
C GLY C 178 -21.25 -16.56 24.87
N GLY C 179 -21.63 -15.67 23.96
CA GLY C 179 -20.73 -14.65 23.50
C GLY C 179 -20.31 -13.72 24.63
N LYS C 180 -19.04 -13.38 24.63
CA LYS C 180 -18.39 -12.52 25.60
C LYS C 180 -18.93 -11.09 25.58
N VAL C 181 -18.94 -10.45 26.73
CA VAL C 181 -19.33 -9.06 26.83
C VAL C 181 -18.21 -8.47 27.62
N PRO C 182 -18.01 -7.18 27.48
CA PRO C 182 -16.90 -6.50 28.15
C PRO C 182 -17.28 -6.14 29.58
N ILE C 183 -17.31 -7.15 30.42
CA ILE C 183 -17.78 -6.97 31.78
C ILE C 183 -16.98 -5.89 32.49
N LYS C 184 -15.70 -5.83 32.20
CA LYS C 184 -14.81 -4.91 32.88
C LYS C 184 -15.03 -3.43 32.52
N TRP C 185 -15.75 -3.19 31.44
CA TRP C 185 -16.16 -1.86 31.03
C TRP C 185 -17.59 -1.47 31.38
N MET C 186 -18.38 -2.44 31.76
CA MET C 186 -19.81 -2.25 31.94
C MET C 186 -20.23 -1.60 33.24
N ALA C 187 -21.30 -0.83 33.22
CA ALA C 187 -21.84 -0.32 34.44
C ALA C 187 -22.44 -1.53 35.19
N LEU C 188 -22.56 -1.40 36.49
CA LEU C 188 -23.03 -2.51 37.31
C LEU C 188 -24.39 -2.96 36.86
N GLU C 189 -25.28 -2.01 36.56
CA GLU C 189 -26.62 -2.31 36.12
C GLU C 189 -26.64 -3.10 34.79
N SER C 190 -25.70 -2.79 33.91
CA SER C 190 -25.58 -3.55 32.70
C SER C 190 -25.19 -5.00 32.99
N ILE C 191 -24.19 -5.18 33.85
CA ILE C 191 -23.77 -6.53 34.16
C ILE C 191 -24.87 -7.33 34.83
N LEU C 192 -25.47 -6.79 35.88
CA LEU C 192 -26.54 -7.43 36.63
C LEU C 192 -27.86 -7.60 35.86
N HIS C 193 -28.22 -6.58 35.10
CA HIS C 193 -29.53 -6.53 34.49
C HIS C 193 -29.68 -6.31 33.00
N ARG C 194 -28.58 -6.14 32.29
CA ARG C 194 -28.65 -5.90 30.86
C ARG C 194 -29.35 -4.58 30.51
N ILE C 195 -29.28 -3.64 31.44
CA ILE C 195 -29.85 -2.31 31.23
C ILE C 195 -28.74 -1.44 30.64
N TYR C 196 -29.00 -0.82 29.49
CA TYR C 196 -28.04 0.06 28.82
C TYR C 196 -28.61 1.43 28.51
N THR C 197 -27.96 2.46 28.99
CA THR C 197 -28.43 3.80 28.85
C THR C 197 -27.26 4.73 28.59
N HIS C 198 -27.55 5.99 28.37
CA HIS C 198 -26.50 6.98 28.20
C HIS C 198 -25.63 7.04 29.44
N GLN C 199 -26.27 6.87 30.58
CA GLN C 199 -25.58 6.84 31.85
C GLN C 199 -24.69 5.59 32.05
N SER C 200 -25.10 4.45 31.51
CA SER C 200 -24.21 3.29 31.49
C SER C 200 -22.98 3.54 30.60
N ASP C 201 -23.19 4.28 29.52
CA ASP C 201 -22.10 4.72 28.66
C ASP C 201 -21.13 5.62 29.45
N VAL C 202 -21.66 6.44 30.34
CA VAL C 202 -20.81 7.34 31.12
C VAL C 202 -19.83 6.50 31.98
N TRP C 203 -20.33 5.41 32.54
CA TRP C 203 -19.47 4.53 33.33
C TRP C 203 -18.34 4.02 32.49
N SER C 204 -18.67 3.58 31.29
CA SER C 204 -17.68 3.12 30.33
C SER C 204 -16.70 4.22 29.91
N TYR C 205 -17.20 5.44 29.82
CA TYR C 205 -16.34 6.55 29.49
C TYR C 205 -15.26 6.67 30.58
N GLY C 206 -15.67 6.48 31.82
CA GLY C 206 -14.74 6.53 32.93
C GLY C 206 -13.64 5.49 32.86
N VAL C 207 -14.02 4.29 32.48
CA VAL C 207 -13.06 3.24 32.27
C VAL C 207 -12.12 3.58 31.13
N THR C 208 -12.70 4.19 30.10
CA THR C 208 -11.94 4.56 28.94
C THR C 208 -10.86 5.58 29.32
N VAL C 209 -11.23 6.57 30.13
CA VAL C 209 -10.31 7.58 30.61
C VAL C 209 -9.17 6.92 31.41
N TRP C 210 -9.56 5.98 32.25
CA TRP C 210 -8.63 5.23 33.05
C TRP C 210 -7.66 4.51 32.18
N GLU C 211 -8.16 3.92 31.10
CA GLU C 211 -7.28 3.23 30.20
C GLU C 211 -6.25 4.19 29.62
N LEU C 212 -6.69 5.37 29.18
CA LEU C 212 -5.78 6.33 28.58
C LEU C 212 -4.75 6.77 29.61
N MET C 213 -5.25 7.05 30.79
CA MET C 213 -4.49 7.65 31.88
C MET C 213 -3.38 6.73 32.37
N THR C 214 -3.58 5.44 32.16
CA THR C 214 -2.64 4.42 32.53
C THR C 214 -1.87 3.94 31.30
N PHE C 215 -1.95 4.69 30.22
CA PHE C 215 -1.26 4.31 29.01
C PHE C 215 -1.60 2.88 28.51
N GLY C 216 -2.86 2.51 28.49
CA GLY C 216 -3.27 1.22 27.99
C GLY C 216 -3.28 0.03 28.92
N SER C 217 -3.25 0.28 30.22
CA SER C 217 -3.29 -0.79 31.19
C SER C 217 -4.63 -1.52 31.14
N LYS C 218 -4.65 -2.76 31.57
CA LYS C 218 -5.86 -3.54 31.61
C LYS C 218 -6.59 -3.36 32.93
N PRO C 219 -7.87 -3.08 32.86
CA PRO C 219 -8.65 -2.84 34.07
C PRO C 219 -8.86 -4.11 34.85
N TYR C 220 -8.63 -4.05 36.15
CA TYR C 220 -8.79 -5.23 36.99
C TYR C 220 -7.96 -6.45 36.48
N ASP C 221 -6.75 -6.18 36.04
CA ASP C 221 -5.95 -7.21 35.42
C ASP C 221 -5.75 -8.35 36.42
N GLY C 222 -5.98 -9.55 35.93
CA GLY C 222 -5.82 -10.79 36.65
C GLY C 222 -7.04 -11.26 37.40
N ILE C 223 -8.03 -10.39 37.51
CA ILE C 223 -9.26 -10.75 38.18
C ILE C 223 -10.23 -11.33 37.16
N PRO C 224 -10.74 -12.52 37.46
CA PRO C 224 -11.70 -13.18 36.60
C PRO C 224 -12.98 -12.34 36.50
N ALA C 225 -13.56 -12.38 35.32
CA ALA C 225 -14.68 -11.55 34.95
C ALA C 225 -15.90 -11.81 35.83
N SER C 226 -16.03 -13.05 36.29
CA SER C 226 -17.16 -13.51 37.10
C SER C 226 -17.23 -12.82 38.45
N GLU C 227 -16.10 -12.31 38.92
CA GLU C 227 -16.01 -11.65 40.21
C GLU C 227 -16.18 -10.14 40.18
N ILE C 228 -16.27 -9.56 38.98
CA ILE C 228 -16.30 -8.10 38.87
C ILE C 228 -17.51 -7.44 39.52
N SER C 229 -18.70 -7.96 39.32
CA SER C 229 -19.86 -7.33 39.94
C SER C 229 -19.71 -7.33 41.46
N SER C 230 -19.19 -8.45 41.98
CA SER C 230 -18.97 -8.69 43.43
C SER C 230 -18.08 -7.60 43.97
N ILE C 231 -16.98 -7.36 43.29
CA ILE C 231 -16.05 -6.24 43.65
CA ILE C 231 -16.07 -6.25 43.73
C ILE C 231 -16.63 -4.79 43.73
N LEU C 232 -17.48 -4.56 42.72
CA LEU C 232 -18.18 -3.28 42.46
C LEU C 232 -19.22 -3.10 43.56
N GLU C 233 -19.96 -4.16 43.82
CA GLU C 233 -20.99 -4.12 44.85
C GLU C 233 -20.40 -3.81 46.21
N LYS C 234 -19.19 -4.28 46.43
CA LYS C 234 -18.53 -4.13 47.70
C LYS C 234 -17.77 -2.81 47.78
N GLY C 235 -17.89 -2.00 46.72
CA GLY C 235 -17.38 -0.64 46.67
C GLY C 235 -15.97 -0.42 46.14
N GLU C 236 -15.31 -1.48 45.73
CA GLU C 236 -14.02 -1.35 45.10
C GLU C 236 -14.20 -0.74 43.69
N ARG C 237 -13.25 0.08 43.27
CA ARG C 237 -13.22 0.67 41.94
C ARG C 237 -11.76 0.66 41.42
N LEU C 238 -11.58 0.99 40.16
CA LEU C 238 -10.25 1.05 39.60
C LEU C 238 -9.43 2.08 40.39
N PRO C 239 -8.16 1.81 40.57
CA PRO C 239 -7.28 2.67 41.36
C PRO C 239 -6.89 3.94 40.64
N GLN C 240 -6.44 4.91 41.41
CA GLN C 240 -6.01 6.16 40.88
C GLN C 240 -4.72 5.97 40.08
N PRO C 241 -4.74 6.29 38.79
CA PRO C 241 -3.50 6.19 38.01
C PRO C 241 -2.45 7.13 38.53
N PRO C 242 -1.20 6.71 38.44
CA PRO C 242 -0.09 7.45 39.03
C PRO C 242 -0.03 8.88 38.49
N ILE C 243 -0.35 9.08 37.22
CA ILE C 243 -0.34 10.41 36.65
C ILE C 243 -1.47 11.34 37.07
N CYS C 244 -2.53 10.78 37.61
CA CYS C 244 -3.71 11.54 37.94
C CYS C 244 -3.66 12.25 39.29
N THR C 245 -3.93 13.55 39.26
CA THR C 245 -4.21 14.33 40.44
C THR C 245 -5.59 13.94 40.93
N ILE C 246 -5.94 14.34 42.13
CA ILE C 246 -7.18 13.95 42.76
C ILE C 246 -8.42 14.45 42.00
N ASP C 247 -8.34 15.63 41.42
CA ASP C 247 -9.49 16.17 40.71
C ASP C 247 -9.86 15.28 39.51
N VAL C 248 -8.87 14.79 38.80
CA VAL C 248 -9.13 13.89 37.69
C VAL C 248 -9.77 12.59 38.14
N TYR C 249 -9.23 12.03 39.22
CA TYR C 249 -9.77 10.80 39.78
C TYR C 249 -11.23 10.92 40.27
N MET C 250 -11.57 12.06 40.85
CA MET C 250 -12.80 12.30 41.38
CA MET C 250 -12.81 12.32 41.38
C MET C 250 -13.89 12.24 40.21
N ILE C 251 -13.51 12.75 39.05
CA ILE C 251 -14.35 12.68 37.88
C ILE C 251 -14.59 11.24 37.49
N MET C 252 -13.52 10.46 37.46
CA MET C 252 -13.66 9.04 37.14
C MET C 252 -14.53 8.31 38.16
N ARG C 253 -14.33 8.62 39.43
CA ARG C 253 -15.06 7.96 40.50
C ARG C 253 -16.55 8.28 40.38
N LYS C 254 -16.84 9.51 39.96
CA LYS C 254 -18.20 9.93 39.74
C LYS C 254 -18.87 9.12 38.64
N CYS C 255 -18.09 8.78 37.62
CA CYS C 255 -18.60 7.98 36.53
C CYS C 255 -19.03 6.58 36.95
N TRP C 256 -18.52 6.11 38.08
CA TRP C 256 -18.75 4.75 38.56
C TRP C 256 -19.63 4.68 39.81
N MET C 257 -20.36 5.74 40.07
CA MET C 257 -21.34 5.74 41.14
C MET C 257 -22.43 4.72 40.85
N ILE C 258 -22.95 4.10 41.90
CA ILE C 258 -23.97 3.07 41.73
C ILE C 258 -25.22 3.65 41.11
N ASP C 259 -25.59 4.84 41.53
CA ASP C 259 -26.78 5.48 41.04
C ASP C 259 -26.46 6.17 39.73
N ALA C 260 -27.07 5.67 38.66
CA ALA C 260 -26.75 6.08 37.31
C ALA C 260 -26.99 7.57 37.12
N ASP C 261 -28.07 8.10 37.68
CA ASP C 261 -28.39 9.51 37.54
C ASP C 261 -27.46 10.43 38.36
N SER C 262 -26.70 9.86 39.27
CA SER C 262 -25.68 10.57 40.01
C SER C 262 -24.41 10.81 39.20
N ARG C 263 -24.21 10.04 38.14
CA ARG C 263 -23.02 10.14 37.33
C ARG C 263 -23.06 11.46 36.54
N PRO C 264 -21.90 11.95 36.12
CA PRO C 264 -21.87 13.18 35.36
C PRO C 264 -22.54 12.91 34.02
N LYS C 265 -22.91 13.97 33.35
CA LYS C 265 -23.42 13.89 31.99
C LYS C 265 -22.30 14.26 31.01
N PHE C 266 -22.39 13.75 29.79
CA PHE C 266 -21.33 14.00 28.85
C PHE C 266 -21.12 15.50 28.60
N ARG C 267 -22.18 16.29 28.58
CA ARG C 267 -22.00 17.73 28.42
C ARG C 267 -21.18 18.36 29.55
N GLU C 268 -21.41 17.95 30.78
CA GLU C 268 -20.60 18.41 31.90
C GLU C 268 -19.12 17.99 31.74
N LEU C 269 -18.92 16.75 31.31
CA LEU C 269 -17.61 16.17 31.17
C LEU C 269 -16.82 16.94 30.14
N ILE C 270 -17.50 17.40 29.10
CA ILE C 270 -16.85 18.19 28.09
C ILE C 270 -16.30 19.44 28.75
N ILE C 271 -17.10 20.07 29.58
CA ILE C 271 -16.66 21.28 30.24
C ILE C 271 -15.49 21.04 31.19
N GLU C 272 -15.56 20.02 32.02
CA GLU C 272 -14.52 19.80 33.01
C GLU C 272 -13.18 19.49 32.39
N PHE C 273 -13.15 18.55 31.46
CA PHE C 273 -11.92 18.18 30.78
C PHE C 273 -11.34 19.34 29.96
N SER C 274 -12.22 20.13 29.38
CA SER C 274 -11.79 21.31 28.66
C SER C 274 -11.09 22.32 29.55
N LYS C 275 -11.61 22.52 30.75
CA LYS C 275 -10.99 23.39 31.71
C LYS C 275 -9.62 22.85 32.06
N MET C 276 -9.56 21.56 32.31
CA MET C 276 -8.30 20.90 32.67
C MET C 276 -7.28 21.01 31.55
N ALA C 277 -7.77 20.92 30.32
CA ALA C 277 -6.95 20.97 29.13
C ALA C 277 -6.23 22.31 29.07
N ARG C 278 -6.83 23.33 29.65
CA ARG C 278 -6.22 24.65 29.73
C ARG C 278 -4.99 24.75 30.62
N ASP C 279 -4.93 23.92 31.66
CA ASP C 279 -3.79 23.92 32.55
C ASP C 279 -3.37 22.47 32.82
N PRO C 280 -2.90 21.80 31.80
CA PRO C 280 -2.73 20.33 31.81
C PRO C 280 -1.77 19.80 32.84
N GLN C 281 -0.62 20.47 32.99
CA GLN C 281 0.43 20.05 33.92
C GLN C 281 -0.08 20.17 35.34
N ARG C 282 -1.04 21.04 35.52
CA ARG C 282 -1.71 21.16 36.79
C ARG C 282 -2.55 19.92 37.14
N TYR C 283 -3.06 19.21 36.13
CA TYR C 283 -3.98 18.11 36.41
C TYR C 283 -3.45 16.68 36.22
N LEU C 284 -2.44 16.53 35.36
CA LEU C 284 -1.75 15.27 35.13
C LEU C 284 -0.26 15.51 35.32
N VAL C 285 0.39 14.60 36.02
CA VAL C 285 1.79 14.70 36.26
C VAL C 285 2.48 13.51 35.60
N ILE C 286 3.21 13.81 34.53
CA ILE C 286 3.76 12.81 33.64
C ILE C 286 5.26 13.00 33.49
N GLN C 287 6.01 11.94 33.64
CA GLN C 287 7.43 12.10 33.49
C GLN C 287 7.80 12.66 32.11
N GLY C 288 8.58 13.73 32.10
CA GLY C 288 9.04 14.30 30.86
C GLY C 288 8.02 15.17 30.17
N ASP C 289 6.93 15.46 30.84
CA ASP C 289 5.84 16.18 30.22
C ASP C 289 6.25 17.55 29.68
N GLU C 290 7.28 18.14 30.26
CA GLU C 290 7.72 19.45 29.86
C GLU C 290 8.26 19.52 28.42
N ARG C 291 8.63 18.37 27.85
CA ARG C 291 9.13 18.39 26.44
C ARG C 291 8.02 17.91 25.50
N MET C 292 6.78 17.75 26.01
CA MET C 292 5.68 17.27 25.18
C MET C 292 4.63 18.36 24.97
N HIS C 293 4.41 18.70 23.71
CA HIS C 293 3.56 19.82 23.31
C HIS C 293 2.64 19.44 22.19
N LEU C 294 1.53 20.13 22.04
CA LEU C 294 0.63 19.86 20.93
C LEU C 294 1.33 20.37 19.68
N PRO C 295 0.81 20.09 18.49
CA PRO C 295 1.54 20.50 17.29
C PRO C 295 1.46 21.99 17.05
N SER C 296 2.43 22.52 16.32
CA SER C 296 2.38 23.91 15.97
C SER C 296 1.27 24.10 14.97
N PRO C 297 0.88 25.34 14.74
CA PRO C 297 -0.13 25.62 13.75
C PRO C 297 0.38 25.16 12.40
N THR C 298 1.68 25.30 12.13
CA THR C 298 2.22 24.90 10.85
C THR C 298 2.04 23.40 10.65
N ASP C 299 2.41 22.61 11.64
CA ASP C 299 2.24 21.17 11.56
C ASP C 299 0.77 20.70 11.50
N SER C 300 -0.08 21.27 12.34
CA SER C 300 -1.47 20.86 12.38
C SER C 300 -2.13 21.11 11.04
N ASN C 301 -1.81 22.26 10.46
CA ASN C 301 -2.38 22.65 9.20
C ASN C 301 -1.98 21.65 8.12
N PHE C 302 -0.73 21.22 8.15
CA PHE C 302 -0.22 20.27 7.19
C PHE C 302 -0.96 18.94 7.25
N TYR C 303 -1.13 18.41 8.46
CA TYR C 303 -1.84 17.17 8.60
C TYR C 303 -3.25 17.37 8.05
N ARG C 304 -3.88 18.45 8.48
CA ARG C 304 -5.25 18.66 8.10
C ARG C 304 -5.38 18.80 6.59
N ALA C 305 -4.49 19.55 5.97
CA ALA C 305 -4.54 19.77 4.53
C ALA C 305 -4.40 18.47 3.77
N LEU C 306 -3.46 17.63 4.18
CA LEU C 306 -3.35 16.32 3.56
C LEU C 306 -4.41 15.26 3.84
N MET C 307 -4.68 15.00 5.11
CA MET C 307 -5.49 13.86 5.53
C MET C 307 -6.74 14.13 6.39
N ASP C 308 -7.02 15.39 6.71
CA ASP C 308 -8.09 15.69 7.63
C ASP C 308 -8.70 17.06 7.34
N GLU C 309 -9.47 17.15 6.25
CA GLU C 309 -10.06 18.38 5.76
C GLU C 309 -11.43 18.71 6.36
N GLU C 310 -11.96 17.82 7.19
CA GLU C 310 -13.30 17.98 7.73
C GLU C 310 -13.40 19.16 8.71
N ASP C 311 -14.57 19.77 8.80
CA ASP C 311 -14.79 20.89 9.72
C ASP C 311 -14.66 20.44 11.18
N MET C 312 -13.98 21.21 12.01
CA MET C 312 -13.73 20.77 13.38
C MET C 312 -13.41 21.87 14.40
N ASP C 313 -13.86 21.71 15.66
CA ASP C 313 -13.47 22.67 16.71
C ASP C 313 -11.98 22.50 17.05
N ASP C 314 -11.25 23.60 17.15
CA ASP C 314 -9.81 23.50 17.39
C ASP C 314 -9.48 22.97 18.79
N VAL C 315 -8.32 22.33 18.91
CA VAL C 315 -7.89 21.66 20.15
C VAL C 315 -7.66 22.68 21.24
N VAL C 316 -7.75 22.24 22.49
CA VAL C 316 -7.59 23.15 23.60
C VAL C 316 -6.15 23.23 24.10
N ASP C 317 -5.48 24.34 23.85
CA ASP C 317 -4.15 24.52 24.39
C ASP C 317 -4.16 25.15 25.77
N ALA C 318 -2.99 25.13 26.40
CA ALA C 318 -2.76 25.77 27.69
C ALA C 318 -2.83 27.29 27.68
N ASP C 319 -3.54 27.82 28.66
CA ASP C 319 -3.58 29.23 28.93
C ASP C 319 -2.16 29.67 29.23
N ASN D 5 0.32 34.79 5.91
CA ASN D 5 0.50 33.93 7.07
C ASN D 5 1.51 32.78 6.86
N GLN D 6 2.60 32.83 7.61
CA GLN D 6 3.66 31.84 7.53
C GLN D 6 3.29 30.40 7.96
N ALA D 7 2.31 30.27 8.84
CA ALA D 7 1.92 28.95 9.32
C ALA D 7 1.35 28.09 8.18
N LEU D 8 1.00 28.74 7.09
CA LEU D 8 0.42 28.06 5.95
C LEU D 8 1.39 27.22 5.11
N LEU D 9 2.68 27.50 5.22
CA LEU D 9 3.66 26.80 4.41
C LEU D 9 4.61 26.09 5.35
N ARG D 10 4.64 24.77 5.24
CA ARG D 10 5.54 23.97 6.02
C ARG D 10 6.88 23.85 5.33
N ILE D 11 7.94 24.14 6.07
CA ILE D 11 9.28 23.97 5.57
C ILE D 11 9.75 22.57 5.93
N LEU D 12 9.95 21.77 4.90
CA LEU D 12 10.24 20.36 5.03
C LEU D 12 11.72 20.05 4.93
N LYS D 13 12.12 19.02 5.64
CA LYS D 13 13.46 18.48 5.56
C LYS D 13 13.42 17.25 4.63
N GLU D 14 14.49 16.99 3.90
CA GLU D 14 14.47 15.88 2.91
C GLU D 14 14.16 14.55 3.56
N THR D 15 14.57 14.39 4.80
CA THR D 15 14.35 13.17 5.53
C THR D 15 12.86 12.90 5.81
N GLU D 16 12.06 13.93 5.71
CA GLU D 16 10.63 13.86 5.96
C GLU D 16 9.76 13.15 4.92
N PHE D 17 10.24 13.11 3.69
CA PHE D 17 9.45 12.66 2.60
C PHE D 17 10.24 11.88 1.56
N LYS D 18 9.51 11.13 0.76
CA LYS D 18 10.09 10.32 -0.28
C LYS D 18 9.32 10.39 -1.58
N LYS D 19 10.06 10.51 -2.67
CA LYS D 19 9.47 10.43 -3.99
C LYS D 19 9.32 8.96 -4.37
N ILE D 20 8.13 8.57 -4.79
CA ILE D 20 7.87 7.20 -5.16
C ILE D 20 7.85 6.93 -6.67
N LYS D 21 7.01 7.67 -7.39
CA LYS D 21 6.81 7.45 -8.83
C LYS D 21 6.61 8.77 -9.55
N VAL D 22 7.16 8.88 -10.75
CA VAL D 22 6.93 10.03 -11.60
C VAL D 22 5.48 9.95 -12.13
N LEU D 23 4.74 11.03 -11.95
CA LEU D 23 3.40 11.11 -12.45
C LEU D 23 3.37 11.85 -13.77
N GLY D 24 4.27 12.81 -13.92
CA GLY D 24 4.37 13.57 -15.13
C GLY D 24 5.27 14.78 -14.99
N SER D 25 5.21 15.62 -16.01
CA SER D 25 6.04 16.80 -16.06
C SER D 25 5.46 17.92 -16.91
N GLY D 26 6.02 19.10 -16.68
CA GLY D 26 5.61 20.34 -17.29
C GLY D 26 6.82 21.17 -17.67
N ALA D 27 6.59 22.43 -17.99
CA ALA D 27 7.65 23.27 -18.45
C ALA D 27 8.70 23.48 -17.38
N PHE D 28 8.27 23.55 -16.12
CA PHE D 28 9.17 23.91 -15.03
C PHE D 28 9.60 22.81 -14.05
N GLY D 29 8.89 21.70 -14.04
CA GLY D 29 9.17 20.65 -13.08
C GLY D 29 8.68 19.27 -13.42
N THR D 30 9.03 18.32 -12.58
CA THR D 30 8.57 16.96 -12.67
C THR D 30 7.75 16.68 -11.42
N VAL D 31 6.60 16.08 -11.59
CA VAL D 31 5.71 15.82 -10.47
C VAL D 31 5.74 14.32 -10.14
N TYR D 32 5.88 14.04 -8.85
CA TYR D 32 5.96 12.70 -8.28
C TYR D 32 4.85 12.38 -7.27
N LYS D 33 4.39 11.15 -7.30
CA LYS D 33 3.69 10.57 -6.20
C LYS D 33 4.76 10.35 -5.13
N GLY D 34 4.44 10.76 -3.92
CA GLY D 34 5.33 10.71 -2.79
C GLY D 34 4.68 10.32 -1.46
N LEU D 35 5.53 10.16 -0.45
CA LEU D 35 5.10 9.89 0.89
C LEU D 35 5.74 10.80 1.95
N TRP D 36 4.92 11.25 2.86
CA TRP D 36 5.39 12.01 3.98
C TRP D 36 5.24 11.19 5.24
N ILE D 37 6.30 11.07 6.02
CA ILE D 37 6.22 10.42 7.32
C ILE D 37 6.40 11.40 8.44
N PRO D 38 5.38 11.52 9.23
CA PRO D 38 5.35 12.46 10.33
C PRO D 38 6.37 12.06 11.39
N GLU D 39 6.89 13.06 12.09
CA GLU D 39 7.89 12.82 13.11
C GLU D 39 7.20 12.01 14.20
N GLY D 40 7.85 10.94 14.62
CA GLY D 40 7.36 10.12 15.71
C GLY D 40 6.34 9.07 15.34
N GLU D 41 6.03 8.98 14.05
CA GLU D 41 5.01 8.11 13.56
C GLU D 41 5.54 7.22 12.47
N LYS D 42 4.85 6.13 12.20
CA LYS D 42 5.26 5.26 11.15
C LYS D 42 4.31 5.18 9.94
N VAL D 43 3.14 5.80 10.06
CA VAL D 43 2.24 5.90 8.93
C VAL D 43 2.83 6.77 7.83
N LYS D 44 2.67 6.34 6.59
CA LYS D 44 3.13 7.09 5.44
C LYS D 44 1.95 7.76 4.74
N ILE D 45 2.00 9.07 4.63
CA ILE D 45 0.89 9.83 4.09
C ILE D 45 1.21 10.27 2.66
N PRO D 46 0.33 9.94 1.73
CA PRO D 46 0.54 10.29 0.34
C PRO D 46 0.61 11.81 0.10
N VAL D 47 1.51 12.20 -0.77
CA VAL D 47 1.65 13.57 -1.18
C VAL D 47 2.01 13.64 -2.66
N ALA D 48 1.87 14.83 -3.22
CA ALA D 48 2.39 15.16 -4.54
C ALA D 48 3.61 16.04 -4.37
N ILE D 49 4.66 15.72 -5.11
CA ILE D 49 5.88 16.47 -5.03
C ILE D 49 6.32 16.97 -6.39
N LYS D 50 6.59 18.27 -6.51
CA LYS D 50 7.16 18.79 -7.73
C LYS D 50 8.60 19.19 -7.50
N GLU D 51 9.47 18.63 -8.30
CA GLU D 51 10.86 18.98 -8.28
C GLU D 51 11.16 19.85 -9.50
N LEU D 52 11.67 21.04 -9.23
CA LEU D 52 11.92 22.03 -10.25
C LEU D 52 13.01 21.51 -11.17
N ARG D 53 12.85 21.79 -12.45
CA ARG D 53 13.85 21.41 -13.42
C ARG D 53 15.18 22.10 -13.19
N GLU D 54 15.17 23.40 -12.93
CA GLU D 54 16.41 24.18 -12.77
C GLU D 54 16.81 24.35 -11.32
N ALA D 55 18.06 24.09 -11.02
CA ALA D 55 18.59 24.29 -9.69
C ALA D 55 18.67 25.76 -9.37
N THR D 56 18.69 26.06 -8.07
CA THR D 56 18.62 27.44 -7.61
C THR D 56 19.56 27.76 -6.45
N SER D 57 20.02 29.00 -6.44
CA SER D 57 20.84 29.54 -5.38
C SER D 57 19.99 29.85 -4.17
N PRO D 58 20.65 30.07 -3.04
CA PRO D 58 19.97 30.48 -1.85
C PRO D 58 19.30 31.81 -2.12
N LYS D 59 19.99 32.69 -2.83
CA LYS D 59 19.37 33.96 -3.15
C LYS D 59 18.13 33.83 -4.04
N ALA D 60 18.18 32.99 -5.07
CA ALA D 60 16.99 32.77 -5.86
C ALA D 60 15.87 32.18 -4.98
N ASN D 61 16.26 31.35 -4.05
CA ASN D 61 15.30 30.66 -3.16
C ASN D 61 14.49 31.63 -2.31
N LYS D 62 15.09 32.76 -1.98
CA LYS D 62 14.40 33.75 -1.19
C LYS D 62 13.17 34.22 -1.95
N GLU D 63 13.34 34.45 -3.24
CA GLU D 63 12.20 34.81 -4.06
C GLU D 63 11.16 33.70 -4.21
N ILE D 64 11.61 32.49 -4.40
CA ILE D 64 10.73 31.37 -4.51
C ILE D 64 9.94 31.18 -3.22
N LEU D 65 10.61 31.30 -2.09
CA LEU D 65 9.97 31.17 -0.79
C LEU D 65 8.90 32.23 -0.59
N ASP D 66 9.18 33.46 -0.97
CA ASP D 66 8.20 34.51 -0.82
C ASP D 66 6.95 34.20 -1.61
N GLU D 67 7.13 33.74 -2.84
CA GLU D 67 6.01 33.32 -3.64
C GLU D 67 5.28 32.11 -3.08
N ALA D 68 6.05 31.20 -2.50
CA ALA D 68 5.47 30.00 -1.95
C ALA D 68 4.48 30.38 -0.82
N TYR D 69 4.81 31.39 -0.04
CA TYR D 69 3.90 31.83 1.05
C TYR D 69 2.57 32.29 0.44
N VAL D 70 2.63 33.01 -0.66
CA VAL D 70 1.41 33.42 -1.31
C VAL D 70 0.60 32.21 -1.82
N MET D 71 1.28 31.28 -2.49
CA MET D 71 0.64 30.11 -3.05
C MET D 71 -0.02 29.28 -1.93
N ALA D 72 0.60 29.28 -0.77
CA ALA D 72 0.08 28.55 0.39
C ALA D 72 -1.09 29.25 1.06
N SER D 73 -1.28 30.52 0.71
CA SER D 73 -2.34 31.33 1.29
C SER D 73 -3.72 31.22 0.61
N VAL D 74 -3.80 30.62 -0.56
CA VAL D 74 -5.09 30.42 -1.17
C VAL D 74 -5.98 29.50 -0.35
N ASP D 75 -7.25 29.85 -0.25
CA ASP D 75 -8.23 29.07 0.47
C ASP D 75 -9.58 29.11 -0.23
N ASN D 76 -9.72 28.35 -1.29
CA ASN D 76 -10.99 28.24 -1.99
C ASN D 76 -11.08 26.80 -2.48
N PRO D 77 -12.28 26.26 -2.52
CA PRO D 77 -12.47 24.84 -2.83
C PRO D 77 -12.11 24.48 -4.28
N HIS D 78 -12.03 25.47 -5.14
CA HIS D 78 -11.74 25.25 -6.54
C HIS D 78 -10.34 25.69 -6.94
N VAL D 79 -9.51 25.91 -5.94
CA VAL D 79 -8.14 26.28 -6.19
C VAL D 79 -7.19 25.43 -5.35
N CYS D 80 -6.20 24.84 -6.00
CA CYS D 80 -5.20 24.07 -5.28
C CYS D 80 -4.34 24.97 -4.38
N ARG D 81 -3.91 24.42 -3.26
CA ARG D 81 -3.09 25.14 -2.33
C ARG D 81 -1.72 24.47 -2.20
N LEU D 82 -0.69 25.28 -2.24
CA LEU D 82 0.66 24.81 -1.97
C LEU D 82 0.79 24.50 -0.47
N LEU D 83 1.28 23.32 -0.13
CA LEU D 83 1.39 22.89 1.25
C LEU D 83 2.75 23.03 1.96
N GLY D 84 3.82 22.73 1.24
CA GLY D 84 5.13 22.64 1.81
C GLY D 84 6.21 22.89 0.78
N ILE D 85 7.39 23.17 1.27
CA ILE D 85 8.54 23.33 0.42
C ILE D 85 9.79 22.76 1.10
N CYS D 86 10.68 22.24 0.29
CA CYS D 86 11.97 21.74 0.72
C CYS D 86 13.08 22.36 -0.12
N LEU D 87 13.97 23.09 0.50
CA LEU D 87 14.99 23.86 -0.22
C LEU D 87 16.28 23.08 -0.52
N THR D 88 16.13 21.97 -1.22
CA THR D 88 17.22 21.20 -1.79
C THR D 88 17.71 21.94 -3.03
N SER D 89 18.94 21.61 -3.49
CA SER D 89 19.61 22.24 -4.67
C SER D 89 18.60 22.46 -5.79
N THR D 90 17.78 21.43 -6.03
CA THR D 90 16.63 21.49 -6.96
C THR D 90 15.40 21.54 -6.04
N VAL D 91 14.84 22.74 -5.85
CA VAL D 91 13.70 22.99 -4.93
C VAL D 91 12.55 21.99 -5.16
N GLN D 92 11.99 21.49 -4.05
CA GLN D 92 10.87 20.57 -4.07
C GLN D 92 9.64 21.19 -3.38
N LEU D 93 8.51 21.06 -4.03
CA LEU D 93 7.28 21.66 -3.57
C LEU D 93 6.25 20.56 -3.32
N ILE D 94 5.50 20.70 -2.24
CA ILE D 94 4.57 19.67 -1.81
C ILE D 94 3.12 20.19 -1.78
N MET D 95 2.20 19.38 -2.30
CA MET D 95 0.79 19.65 -2.27
C MET D 95 0.01 18.34 -2.17
N GLN D 96 -1.29 18.44 -2.04
CA GLN D 96 -2.12 17.26 -1.93
C GLN D 96 -2.09 16.38 -3.20
N LEU D 97 -2.01 15.08 -3.03
CA LEU D 97 -2.00 14.19 -4.15
C LEU D 97 -3.41 14.02 -4.68
N MET D 98 -3.59 14.18 -5.97
CA MET D 98 -4.91 13.99 -6.56
C MET D 98 -4.86 12.85 -7.57
N PRO D 99 -5.28 11.69 -7.12
CA PRO D 99 -5.10 10.46 -7.89
C PRO D 99 -5.78 10.47 -9.27
N PHE D 100 -6.88 11.21 -9.38
CA PHE D 100 -7.60 11.35 -10.63
C PHE D 100 -6.83 12.10 -11.74
N GLY D 101 -5.79 12.84 -11.41
CA GLY D 101 -4.97 13.51 -12.39
C GLY D 101 -5.62 14.75 -12.96
N CYS D 102 -5.18 15.20 -14.12
CA CYS D 102 -5.74 16.40 -14.70
C CYS D 102 -7.02 16.19 -15.52
N LEU D 103 -7.78 17.27 -15.60
CA LEU D 103 -9.06 17.25 -16.24
C LEU D 103 -8.94 16.92 -17.73
N LEU D 104 -7.91 17.40 -18.38
CA LEU D 104 -7.77 17.11 -19.80
C LEU D 104 -7.62 15.60 -20.03
N ASP D 105 -6.73 14.99 -19.28
CA ASP D 105 -6.59 13.57 -19.41
C ASP D 105 -7.91 12.92 -19.08
N TYR D 106 -8.58 13.40 -18.05
CA TYR D 106 -9.83 12.81 -17.64
C TYR D 106 -10.92 12.85 -18.74
N VAL D 107 -11.12 13.99 -19.38
CA VAL D 107 -12.12 14.08 -20.44
C VAL D 107 -11.79 13.20 -21.65
N ARG D 108 -10.51 13.12 -21.97
CA ARG D 108 -10.07 12.28 -23.04
C ARG D 108 -10.37 10.81 -22.74
N GLU D 109 -10.12 10.35 -21.52
CA GLU D 109 -10.34 9.04 -21.16
CA GLU D 109 -10.34 9.04 -21.17
C GLU D 109 -11.75 8.64 -21.08
N HIS D 110 -12.63 9.59 -20.86
CA HIS D 110 -14.04 9.37 -20.72
C HIS D 110 -14.82 10.01 -21.83
N LYS D 111 -14.25 10.08 -23.03
CA LYS D 111 -14.88 10.81 -24.13
C LYS D 111 -16.28 10.35 -24.54
N ASP D 112 -16.58 9.06 -24.39
CA ASP D 112 -17.95 8.59 -24.61
C ASP D 112 -18.75 8.29 -23.35
N ASN D 113 -18.28 8.81 -22.21
CA ASN D 113 -18.93 8.60 -20.94
C ASN D 113 -19.26 9.85 -20.10
N ILE D 114 -19.25 11.05 -20.68
CA ILE D 114 -19.48 12.25 -19.88
C ILE D 114 -20.79 12.97 -20.16
N GLY D 115 -21.57 13.19 -19.12
CA GLY D 115 -22.83 13.88 -19.18
C GLY D 115 -22.73 15.41 -19.23
N SER D 116 -23.81 16.02 -19.69
CA SER D 116 -23.90 17.47 -19.77
C SER D 116 -23.77 18.10 -18.39
N GLN D 117 -24.30 17.42 -17.40
CA GLN D 117 -24.24 17.91 -16.04
C GLN D 117 -22.80 18.06 -15.54
N TYR D 118 -21.96 17.07 -15.78
CA TYR D 118 -20.57 17.20 -15.39
C TYR D 118 -19.85 18.34 -16.11
N LEU D 119 -20.03 18.39 -17.42
CA LEU D 119 -19.28 19.33 -18.21
C LEU D 119 -19.62 20.76 -17.75
N LEU D 120 -20.89 21.06 -17.58
CA LEU D 120 -21.33 22.38 -17.15
C LEU D 120 -20.89 22.72 -15.71
N ASN D 121 -20.97 21.73 -14.83
CA ASN D 121 -20.57 21.92 -13.47
C ASN D 121 -19.07 22.27 -13.43
N TRP D 122 -18.30 21.61 -14.26
CA TRP D 122 -16.90 21.88 -14.32
C TRP D 122 -16.66 23.31 -14.73
N CYS D 123 -17.45 23.77 -15.68
CA CYS D 123 -17.25 25.13 -16.15
C CYS D 123 -17.50 26.11 -15.01
N VAL D 124 -18.52 25.82 -14.22
CA VAL D 124 -18.85 26.67 -13.13
C VAL D 124 -17.68 26.70 -12.15
N GLN D 125 -17.17 25.52 -11.83
CA GLN D 125 -16.13 25.40 -10.81
C GLN D 125 -14.85 26.12 -11.19
N ILE D 126 -14.46 25.98 -12.44
CA ILE D 126 -13.26 26.65 -12.92
C ILE D 126 -13.45 28.18 -12.85
N ALA D 127 -14.63 28.64 -13.22
CA ALA D 127 -14.94 30.05 -13.13
C ALA D 127 -14.90 30.51 -11.67
N LYS D 128 -15.39 29.68 -10.75
CA LYS D 128 -15.31 30.05 -9.36
C LYS D 128 -13.86 30.19 -8.85
N GLY D 129 -13.03 29.23 -9.19
CA GLY D 129 -11.63 29.32 -8.83
C GLY D 129 -10.90 30.50 -9.45
N MET D 130 -11.13 30.74 -10.73
CA MET D 130 -10.55 31.91 -11.39
C MET D 130 -11.03 33.25 -10.77
N ASN D 131 -12.30 33.31 -10.42
CA ASN D 131 -12.84 34.48 -9.75
C ASN D 131 -12.12 34.71 -8.42
N TYR D 132 -11.87 33.63 -7.72
CA TYR D 132 -11.13 33.73 -6.45
C TYR D 132 -9.72 34.27 -6.66
N LEU D 133 -9.02 33.76 -7.65
CA LEU D 133 -7.68 34.25 -7.94
C LEU D 133 -7.75 35.74 -8.27
N GLU D 134 -8.74 36.13 -9.05
CA GLU D 134 -8.89 37.52 -9.41
C GLU D 134 -9.09 38.38 -8.17
N ASP D 135 -9.90 37.90 -7.27
CA ASP D 135 -10.17 38.60 -6.04
C ASP D 135 -8.88 38.78 -5.20
N ARG D 136 -7.98 37.82 -5.28
CA ARG D 136 -6.70 37.84 -4.60
C ARG D 136 -5.65 38.57 -5.47
N ARG D 137 -6.10 39.06 -6.60
CA ARG D 137 -5.25 39.75 -7.54
C ARG D 137 -4.11 38.89 -8.06
N LEU D 138 -4.39 37.61 -8.28
CA LEU D 138 -3.41 36.72 -8.84
C LEU D 138 -3.78 36.34 -10.26
N VAL D 139 -2.87 36.56 -11.18
CA VAL D 139 -3.08 36.20 -12.57
C VAL D 139 -2.48 34.84 -12.77
N HIS D 140 -3.20 33.95 -13.43
CA HIS D 140 -2.69 32.62 -13.61
C HIS D 140 -1.58 32.51 -14.64
N ARG D 141 -1.88 32.93 -15.85
CA ARG D 141 -0.95 32.97 -16.98
C ARG D 141 -0.87 31.66 -17.78
N ASP D 142 -1.34 30.57 -17.19
CA ASP D 142 -1.30 29.27 -17.86
C ASP D 142 -2.57 28.43 -17.66
N LEU D 143 -3.73 29.06 -17.65
CA LEU D 143 -4.94 28.28 -17.49
C LEU D 143 -5.14 27.44 -18.74
N ALA D 144 -5.38 26.17 -18.53
CA ALA D 144 -5.67 25.20 -19.55
C ALA D 144 -6.25 23.95 -18.88
N ALA D 145 -6.84 23.08 -19.66
CA ALA D 145 -7.48 21.89 -19.13
C ALA D 145 -6.42 21.04 -18.42
N ARG D 146 -5.19 21.15 -18.87
CA ARG D 146 -4.14 20.33 -18.28
CA ARG D 146 -4.10 20.36 -18.29
C ARG D 146 -3.85 20.95 -16.88
N ASN D 147 -4.22 22.20 -16.67
CA ASN D 147 -3.95 22.90 -15.44
C ASN D 147 -5.15 22.99 -14.49
N VAL D 148 -6.06 22.07 -14.70
CA VAL D 148 -7.14 21.83 -13.77
C VAL D 148 -7.03 20.39 -13.30
N LEU D 149 -6.95 20.18 -11.98
CA LEU D 149 -6.87 18.86 -11.40
C LEU D 149 -8.23 18.35 -10.99
N VAL D 150 -8.43 17.05 -11.13
CA VAL D 150 -9.63 16.39 -10.71
C VAL D 150 -9.44 15.85 -9.29
N LYS D 151 -10.07 16.47 -8.30
CA LYS D 151 -10.10 15.86 -6.96
C LYS D 151 -11.00 14.65 -6.82
N THR D 152 -12.24 14.84 -7.25
CA THR D 152 -13.16 13.76 -7.57
C THR D 152 -13.83 14.16 -8.90
N PRO D 153 -14.59 13.25 -9.50
CA PRO D 153 -15.25 13.63 -10.74
C PRO D 153 -16.19 14.80 -10.53
N GLN D 154 -16.68 15.03 -9.32
CA GLN D 154 -17.58 16.13 -9.08
C GLN D 154 -16.90 17.43 -8.66
N HIS D 155 -15.59 17.38 -8.49
CA HIS D 155 -14.89 18.46 -7.90
C HIS D 155 -13.55 18.67 -8.56
N VAL D 156 -13.38 19.80 -9.21
CA VAL D 156 -12.12 20.09 -9.88
C VAL D 156 -11.49 21.35 -9.30
N LYS D 157 -10.17 21.45 -9.42
CA LYS D 157 -9.44 22.53 -8.83
C LYS D 157 -8.34 23.12 -9.76
N ILE D 158 -8.28 24.44 -9.88
CA ILE D 158 -7.23 25.11 -10.62
C ILE D 158 -5.83 24.90 -10.02
N THR D 159 -4.85 24.62 -10.87
CA THR D 159 -3.45 24.44 -10.42
C THR D 159 -2.43 25.23 -11.26
N ASP D 160 -1.22 25.34 -10.75
CA ASP D 160 -0.11 25.94 -11.49
C ASP D 160 -0.20 27.46 -11.72
N PHE D 161 -1.05 28.15 -10.99
CA PHE D 161 -1.06 29.62 -11.13
C PHE D 161 0.23 30.22 -10.59
N GLY D 162 0.74 31.22 -11.29
CA GLY D 162 1.89 31.99 -10.83
C GLY D 162 3.26 31.40 -11.13
N LEU D 163 3.26 30.15 -11.59
CA LEU D 163 4.49 29.45 -11.91
C LEU D 163 5.25 30.08 -13.06
N ALA D 164 4.52 30.39 -14.14
CA ALA D 164 5.13 30.97 -15.30
C ALA D 164 5.75 32.31 -14.96
N LYS D 165 5.07 33.16 -14.21
CA LYS D 165 5.63 34.44 -13.84
C LYS D 165 6.86 34.26 -12.96
N LEU D 166 6.83 33.30 -12.06
CA LEU D 166 7.93 33.13 -11.12
C LEU D 166 9.21 32.70 -11.78
N LEU D 167 9.11 31.71 -12.66
CA LEU D 167 10.25 30.98 -13.19
C LEU D 167 10.52 31.21 -14.67
N GLY D 168 9.50 31.65 -15.38
CA GLY D 168 9.60 31.89 -16.79
C GLY D 168 10.70 32.84 -17.14
N VAL D 181 5.62 28.68 -23.45
CA VAL D 181 4.76 29.79 -23.97
C VAL D 181 3.59 29.16 -24.72
N PRO D 182 2.44 28.92 -24.04
CA PRO D 182 1.29 28.30 -24.66
C PRO D 182 0.51 29.26 -25.56
N ILE D 183 1.05 29.52 -26.76
CA ILE D 183 0.46 30.50 -27.66
C ILE D 183 -1.00 30.18 -27.97
N LYS D 184 -1.33 28.90 -28.10
CA LYS D 184 -2.69 28.52 -28.48
C LYS D 184 -3.76 28.75 -27.39
N TRP D 185 -3.31 29.01 -26.16
CA TRP D 185 -4.20 29.39 -25.06
C TRP D 185 -4.21 30.87 -24.71
N MET D 186 -3.37 31.63 -25.39
CA MET D 186 -3.07 33.01 -25.03
C MET D 186 -3.92 34.05 -25.77
N ALA D 187 -4.31 35.08 -25.04
CA ALA D 187 -5.01 36.20 -25.62
C ALA D 187 -4.10 36.92 -26.59
N LEU D 188 -4.71 37.60 -27.53
CA LEU D 188 -3.95 38.23 -28.62
C LEU D 188 -2.93 39.17 -28.04
N GLU D 189 -3.35 39.99 -27.09
CA GLU D 189 -2.47 40.94 -26.44
C GLU D 189 -1.28 40.32 -25.70
N SER D 190 -1.47 39.15 -25.10
CA SER D 190 -0.35 38.43 -24.54
C SER D 190 0.63 37.96 -25.63
N ILE D 191 0.12 37.47 -26.74
CA ILE D 191 1.02 37.03 -27.77
C ILE D 191 1.86 38.20 -28.31
N LEU D 192 1.19 39.28 -28.68
CA LEU D 192 1.84 40.48 -29.20
C LEU D 192 2.72 41.26 -28.22
N HIS D 193 2.22 41.50 -27.02
CA HIS D 193 2.87 42.37 -26.07
C HIS D 193 3.27 41.79 -24.75
N ARG D 194 3.05 40.51 -24.57
CA ARG D 194 3.36 39.86 -23.30
C ARG D 194 2.70 40.57 -22.13
N ILE D 195 1.47 41.01 -22.34
CA ILE D 195 0.65 41.56 -21.26
C ILE D 195 -0.22 40.44 -20.72
N TYR D 196 -0.20 40.25 -19.41
CA TYR D 196 -1.01 39.23 -18.77
C TYR D 196 -1.87 39.87 -17.65
N THR D 197 -3.16 39.60 -17.70
CA THR D 197 -4.11 40.18 -16.79
C THR D 197 -5.24 39.17 -16.59
N HIS D 198 -6.19 39.54 -15.76
CA HIS D 198 -7.32 38.69 -15.51
C HIS D 198 -8.08 38.49 -16.77
N GLN D 199 -8.19 39.56 -17.53
CA GLN D 199 -8.87 39.47 -18.81
C GLN D 199 -8.21 38.52 -19.84
N SER D 200 -6.88 38.46 -19.86
CA SER D 200 -6.20 37.46 -20.66
C SER D 200 -6.48 36.04 -20.11
N ASP D 201 -6.59 35.93 -18.81
CA ASP D 201 -6.94 34.67 -18.19
C ASP D 201 -8.32 34.23 -18.70
N VAL D 202 -9.23 35.17 -18.90
CA VAL D 202 -10.54 34.85 -19.41
C VAL D 202 -10.46 34.23 -20.82
N TRP D 203 -9.56 34.74 -21.65
CA TRP D 203 -9.45 34.22 -22.99
C TRP D 203 -9.07 32.76 -22.84
N SER D 204 -8.10 32.53 -21.99
CA SER D 204 -7.63 31.17 -21.72
C SER D 204 -8.71 30.26 -21.12
N TYR D 205 -9.58 30.84 -20.30
CA TYR D 205 -10.69 30.13 -19.75
C TYR D 205 -11.52 29.67 -20.92
N GLY D 206 -11.68 30.53 -21.91
CA GLY D 206 -12.49 30.17 -23.05
C GLY D 206 -11.92 29.00 -23.80
N VAL D 207 -10.61 28.99 -24.02
CA VAL D 207 -9.98 27.87 -24.67
C VAL D 207 -10.14 26.58 -23.87
N THR D 208 -10.03 26.72 -22.55
CA THR D 208 -10.15 25.60 -21.63
C THR D 208 -11.56 24.99 -21.75
N VAL D 209 -12.56 25.84 -21.82
CA VAL D 209 -13.92 25.40 -21.98
C VAL D 209 -14.06 24.63 -23.30
N TRP D 210 -13.42 25.12 -24.34
CA TRP D 210 -13.42 24.46 -25.62
C TRP D 210 -12.81 23.09 -25.53
N GLU D 211 -11.72 22.96 -24.77
CA GLU D 211 -11.10 21.68 -24.59
C GLU D 211 -12.07 20.69 -23.95
N LEU D 212 -12.78 21.12 -22.92
CA LEU D 212 -13.71 20.24 -22.25
C LEU D 212 -14.83 19.82 -23.19
N MET D 213 -15.44 20.78 -23.86
CA MET D 213 -16.59 20.53 -24.70
C MET D 213 -16.26 19.61 -25.90
N THR D 214 -14.99 19.58 -26.29
CA THR D 214 -14.53 18.72 -27.37
C THR D 214 -13.90 17.42 -26.85
N PHE D 215 -13.96 17.21 -25.56
CA PHE D 215 -13.37 16.04 -24.96
C PHE D 215 -11.85 15.92 -25.17
N GLY D 216 -11.16 17.05 -25.07
CA GLY D 216 -9.72 17.08 -25.15
C GLY D 216 -9.04 17.28 -26.50
N SER D 217 -9.75 17.86 -27.44
CA SER D 217 -9.16 18.14 -28.72
C SER D 217 -8.07 19.19 -28.54
N LYS D 218 -7.17 19.20 -29.48
CA LYS D 218 -6.11 20.14 -29.50
C LYS D 218 -6.53 21.37 -30.28
N PRO D 219 -6.48 22.52 -29.66
CA PRO D 219 -6.85 23.78 -30.31
C PRO D 219 -5.97 24.16 -31.50
N TYR D 220 -6.55 24.55 -32.62
CA TYR D 220 -5.78 24.95 -33.80
C TYR D 220 -4.78 23.86 -34.22
N ASP D 221 -5.19 22.61 -34.16
CA ASP D 221 -4.28 21.51 -34.48
C ASP D 221 -3.83 21.62 -35.93
N GLY D 222 -2.56 21.41 -36.16
CA GLY D 222 -1.98 21.62 -37.45
C GLY D 222 -1.49 23.04 -37.66
N ILE D 223 -2.33 24.03 -37.36
CA ILE D 223 -1.89 25.38 -37.55
C ILE D 223 -0.71 25.65 -36.65
N PRO D 224 0.37 26.13 -37.25
CA PRO D 224 1.61 26.34 -36.52
C PRO D 224 1.50 27.53 -35.59
N ALA D 225 2.22 27.48 -34.49
CA ALA D 225 2.10 28.48 -33.46
C ALA D 225 2.47 29.86 -33.98
N SER D 226 3.45 29.92 -34.88
CA SER D 226 3.96 31.19 -35.35
C SER D 226 2.88 31.91 -36.08
N GLU D 227 1.87 31.17 -36.47
CA GLU D 227 0.80 31.71 -37.29
C GLU D 227 -0.49 32.10 -36.57
N ILE D 228 -0.57 31.85 -35.27
CA ILE D 228 -1.81 32.11 -34.55
C ILE D 228 -2.27 33.57 -34.52
N SER D 229 -1.36 34.51 -34.26
CA SER D 229 -1.80 35.87 -34.09
C SER D 229 -2.46 36.37 -35.36
N SER D 230 -1.91 35.96 -36.51
CA SER D 230 -2.44 36.38 -37.78
C SER D 230 -3.83 35.86 -38.04
N ILE D 231 -4.07 34.59 -37.74
CA ILE D 231 -5.44 34.08 -37.84
C ILE D 231 -6.38 34.76 -36.84
N LEU D 232 -5.88 35.10 -35.67
CA LEU D 232 -6.72 35.79 -34.69
C LEU D 232 -7.10 37.17 -35.21
N GLU D 233 -6.13 37.83 -35.82
CA GLU D 233 -6.37 39.13 -36.43
C GLU D 233 -7.35 39.09 -37.58
N LYS D 234 -7.36 37.99 -38.31
CA LYS D 234 -8.31 37.80 -39.40
C LYS D 234 -9.70 37.67 -38.86
N GLY D 235 -9.83 37.49 -37.54
CA GLY D 235 -11.11 37.23 -36.91
C GLY D 235 -11.47 35.75 -36.80
N GLU D 236 -10.51 34.89 -37.06
CA GLU D 236 -10.76 33.47 -36.95
C GLU D 236 -10.69 33.01 -35.48
N ARG D 237 -11.52 32.06 -35.14
CA ARG D 237 -11.63 31.51 -33.78
C ARG D 237 -11.79 30.01 -33.83
N LEU D 238 -11.69 29.35 -32.68
CA LEU D 238 -11.93 27.93 -32.60
C LEU D 238 -13.38 27.66 -32.99
N PRO D 239 -13.63 26.55 -33.64
CA PRO D 239 -14.98 26.14 -34.05
C PRO D 239 -15.91 25.73 -32.90
N GLN D 240 -17.21 25.78 -33.18
CA GLN D 240 -18.19 25.33 -32.25
C GLN D 240 -18.07 23.82 -32.11
N PRO D 241 -17.82 23.37 -30.88
CA PRO D 241 -17.79 21.93 -30.61
C PRO D 241 -19.17 21.38 -30.90
N PRO D 242 -19.22 20.14 -31.36
CA PRO D 242 -20.46 19.55 -31.84
C PRO D 242 -21.56 19.51 -30.80
N ILE D 243 -21.25 19.24 -29.54
CA ILE D 243 -22.24 19.20 -28.48
C ILE D 243 -22.82 20.55 -28.06
N CYS D 244 -22.14 21.62 -28.39
CA CYS D 244 -22.51 22.93 -27.93
C CYS D 244 -23.69 23.58 -28.66
N THR D 245 -24.65 24.04 -27.88
CA THR D 245 -25.62 24.99 -28.38
C THR D 245 -24.99 26.37 -28.51
N ILE D 246 -25.66 27.25 -29.23
CA ILE D 246 -25.15 28.57 -29.47
C ILE D 246 -24.91 29.32 -28.15
N ASP D 247 -25.74 29.06 -27.15
CA ASP D 247 -25.62 29.79 -25.89
C ASP D 247 -24.25 29.55 -25.29
N VAL D 248 -23.84 28.29 -25.29
CA VAL D 248 -22.53 27.93 -24.77
C VAL D 248 -21.39 28.44 -25.66
N TYR D 249 -21.55 28.28 -26.96
CA TYR D 249 -20.51 28.71 -27.89
C TYR D 249 -20.24 30.21 -27.82
N MET D 250 -21.31 30.99 -27.64
CA MET D 250 -21.21 32.44 -27.61
C MET D 250 -20.38 32.90 -26.42
N ILE D 251 -20.53 32.23 -25.29
CA ILE D 251 -19.73 32.60 -24.14
C ILE D 251 -18.24 32.43 -24.48
N MET D 252 -17.89 31.35 -25.16
CA MET D 252 -16.51 31.11 -25.56
C MET D 252 -16.02 32.23 -26.48
N ARG D 253 -16.86 32.59 -27.45
CA ARG D 253 -16.53 33.61 -28.40
CA ARG D 253 -16.55 33.61 -28.41
C ARG D 253 -16.30 34.98 -27.65
N LYS D 254 -17.19 35.29 -26.72
CA LYS D 254 -17.02 36.50 -25.97
CA LYS D 254 -17.04 36.49 -25.93
C LYS D 254 -15.63 36.58 -25.20
N CYS D 255 -15.18 35.41 -24.79
CA CYS D 255 -13.89 35.26 -24.15
C CYS D 255 -12.76 35.66 -25.09
N TRP D 256 -13.02 35.42 -26.38
CA TRP D 256 -12.01 35.58 -27.46
C TRP D 256 -12.09 36.93 -28.18
N MET D 257 -12.66 37.94 -27.55
CA MET D 257 -12.75 39.30 -28.18
C MET D 257 -11.44 40.08 -28.02
N ILE D 258 -11.03 40.77 -29.09
CA ILE D 258 -9.84 41.66 -29.18
C ILE D 258 -9.84 42.68 -28.04
N ASP D 259 -11.02 43.17 -27.63
CA ASP D 259 -11.00 44.16 -26.56
C ASP D 259 -11.15 43.46 -25.23
N ALA D 260 -10.07 43.43 -24.48
CA ALA D 260 -9.96 42.64 -23.27
C ALA D 260 -11.03 43.05 -22.28
N ASP D 261 -11.31 44.33 -22.26
CA ASP D 261 -12.25 44.85 -21.30
C ASP D 261 -13.68 44.52 -21.63
N SER D 262 -13.93 44.11 -22.86
CA SER D 262 -15.25 43.71 -23.24
C SER D 262 -15.53 42.21 -23.07
N ARG D 263 -14.52 41.47 -22.64
CA ARG D 263 -14.65 40.04 -22.43
C ARG D 263 -15.46 39.88 -21.14
N PRO D 264 -16.05 38.73 -20.93
CA PRO D 264 -16.79 38.53 -19.67
C PRO D 264 -15.84 38.52 -18.47
N LYS D 265 -16.42 38.72 -17.31
CA LYS D 265 -15.77 38.59 -16.02
C LYS D 265 -16.06 37.19 -15.44
N PHE D 266 -15.12 36.65 -14.68
CA PHE D 266 -15.28 35.32 -14.14
C PHE D 266 -16.53 35.29 -13.26
N ARG D 267 -16.75 36.37 -12.52
CA ARG D 267 -17.90 36.45 -11.64
C ARG D 267 -19.16 36.27 -12.47
N GLU D 268 -19.22 36.92 -13.62
CA GLU D 268 -20.40 36.77 -14.52
CA GLU D 268 -20.42 36.77 -14.48
C GLU D 268 -20.58 35.32 -15.06
N LEU D 269 -19.41 34.82 -15.38
CA LEU D 269 -19.29 33.50 -15.98
C LEU D 269 -19.87 32.45 -15.01
N ILE D 270 -19.62 32.67 -13.72
CA ILE D 270 -20.12 31.74 -12.72
C ILE D 270 -21.63 31.75 -12.79
N ILE D 271 -22.20 32.95 -12.90
CA ILE D 271 -23.65 33.06 -12.95
C ILE D 271 -24.22 32.39 -14.21
N GLU D 272 -23.69 32.66 -15.39
CA GLU D 272 -24.25 32.09 -16.60
C GLU D 272 -24.18 30.56 -16.67
N PHE D 273 -23.02 29.99 -16.40
CA PHE D 273 -22.87 28.54 -16.36
C PHE D 273 -23.73 27.86 -15.26
N SER D 274 -23.88 28.52 -14.12
CA SER D 274 -24.69 28.02 -13.05
C SER D 274 -26.13 27.88 -13.52
N LYS D 275 -26.61 28.88 -14.26
CA LYS D 275 -27.94 28.80 -14.82
C LYS D 275 -28.04 27.62 -15.76
N MET D 276 -27.06 27.47 -16.62
CA MET D 276 -27.08 26.41 -17.60
C MET D 276 -27.05 25.04 -16.93
N ALA D 277 -26.28 24.94 -15.87
CA ALA D 277 -26.08 23.70 -15.12
C ALA D 277 -27.40 23.23 -14.55
N ARG D 278 -28.33 24.16 -14.34
CA ARG D 278 -29.66 23.83 -13.80
C ARG D 278 -30.51 23.06 -14.82
N ASP D 279 -30.21 23.20 -16.10
CA ASP D 279 -30.94 22.50 -17.15
C ASP D 279 -29.98 22.08 -18.25
N PRO D 280 -29.06 21.18 -17.92
CA PRO D 280 -27.88 20.94 -18.74
C PRO D 280 -28.20 20.50 -20.16
N GLN D 281 -29.22 19.69 -20.29
CA GLN D 281 -29.64 19.13 -21.57
C GLN D 281 -30.26 20.16 -22.51
N ARG D 282 -30.68 21.27 -21.97
CA ARG D 282 -31.04 22.43 -22.78
C ARG D 282 -29.82 23.01 -23.52
N TYR D 283 -28.66 22.96 -22.88
CA TYR D 283 -27.49 23.68 -23.35
C TYR D 283 -26.39 22.90 -24.08
N LEU D 284 -26.30 21.62 -23.79
CA LEU D 284 -25.36 20.73 -24.43
C LEU D 284 -26.15 19.57 -25.00
N VAL D 285 -25.88 19.17 -26.23
CA VAL D 285 -26.60 18.04 -26.77
C VAL D 285 -25.64 16.89 -27.00
N ILE D 286 -25.83 15.85 -26.23
CA ILE D 286 -24.95 14.69 -26.25
C ILE D 286 -25.74 13.40 -26.48
N GLN D 287 -25.37 12.64 -27.49
CA GLN D 287 -26.06 11.39 -27.78
C GLN D 287 -25.91 10.48 -26.58
N GLY D 288 -27.01 9.92 -26.16
CA GLY D 288 -27.02 9.03 -25.03
C GLY D 288 -26.98 9.77 -23.73
N ASP D 289 -27.17 11.07 -23.76
CA ASP D 289 -26.95 11.88 -22.58
C ASP D 289 -27.87 11.35 -21.50
N GLU D 290 -29.07 10.93 -21.87
CA GLU D 290 -29.97 10.36 -20.88
C GLU D 290 -29.40 9.10 -20.20
N ARG D 291 -28.64 8.30 -20.95
CA ARG D 291 -28.10 7.03 -20.37
C ARG D 291 -26.91 7.29 -19.46
N MET D 292 -26.28 8.45 -19.61
CA MET D 292 -25.05 8.71 -18.89
C MET D 292 -25.20 8.95 -17.38
N HIS D 293 -24.14 8.64 -16.66
CA HIS D 293 -24.06 8.77 -15.25
C HIS D 293 -24.24 10.19 -14.85
N LEU D 294 -24.90 10.41 -13.74
CA LEU D 294 -25.09 11.75 -13.21
C LEU D 294 -24.34 11.87 -11.90
N PRO D 295 -23.94 13.09 -11.55
CA PRO D 295 -23.46 13.24 -10.20
C PRO D 295 -24.64 12.74 -9.41
N SER D 296 -24.41 11.82 -8.49
CA SER D 296 -25.49 11.29 -7.67
C SER D 296 -25.16 11.56 -6.23
N PRO D 297 -26.16 11.94 -5.46
CA PRO D 297 -25.92 12.41 -4.11
C PRO D 297 -25.26 11.30 -3.33
N THR D 298 -25.70 10.07 -3.56
CA THR D 298 -25.11 8.93 -2.90
C THR D 298 -23.66 8.73 -3.34
N ASP D 299 -23.41 8.88 -4.62
CA ASP D 299 -22.05 8.82 -5.13
C ASP D 299 -21.22 9.94 -4.60
N SER D 300 -21.76 11.15 -4.65
CA SER D 300 -21.03 12.27 -4.12
C SER D 300 -20.81 12.17 -2.64
N ASN D 301 -21.81 11.69 -1.89
CA ASN D 301 -21.65 11.59 -0.48
C ASN D 301 -20.50 10.60 -0.20
N PHE D 302 -20.48 9.50 -0.93
CA PHE D 302 -19.44 8.50 -0.79
C PHE D 302 -18.05 9.02 -1.14
N TYR D 303 -17.91 9.67 -2.29
CA TYR D 303 -16.62 10.20 -2.70
C TYR D 303 -16.16 11.21 -1.63
N ARG D 304 -17.06 12.08 -1.22
CA ARG D 304 -16.71 13.16 -0.28
C ARG D 304 -16.22 12.62 1.05
N ALA D 305 -16.97 11.69 1.62
CA ALA D 305 -16.63 11.10 2.91
C ALA D 305 -15.29 10.36 2.88
N LEU D 306 -15.03 9.66 1.79
CA LEU D 306 -13.75 9.04 1.56
C LEU D 306 -12.55 9.90 1.19
N MET D 307 -12.71 10.76 0.21
CA MET D 307 -11.59 11.52 -0.30
C MET D 307 -11.75 13.03 -0.42
N ASP D 308 -12.87 13.57 -0.01
CA ASP D 308 -13.11 14.99 -0.24
C ASP D 308 -13.99 15.64 0.80
N GLU D 309 -13.43 15.80 1.99
CA GLU D 309 -14.16 16.30 3.15
C GLU D 309 -14.17 17.83 3.21
N GLU D 310 -13.52 18.51 2.28
CA GLU D 310 -13.42 19.97 2.36
C GLU D 310 -14.75 20.73 2.24
N ASP D 311 -14.81 21.89 2.89
CA ASP D 311 -15.91 22.83 2.80
C ASP D 311 -16.15 23.14 1.32
N MET D 312 -17.40 23.01 0.89
CA MET D 312 -17.79 23.41 -0.46
C MET D 312 -19.15 24.12 -0.53
#